data_9DIV
#
_entry.id   9DIV
#
_cell.length_a   85.366
_cell.length_b   110.300
_cell.length_c   127.338
_cell.angle_alpha   90.00
_cell.angle_beta   90.00
_cell.angle_gamma   90.00
#
_symmetry.space_group_name_H-M   'P 21 21 21'
#
loop_
_entity.id
_entity.type
_entity.pdbx_description
1 polymer 'De novo designed ChuA binding protein C8'
2 water water
#
_entity_poly.entity_id   1
_entity_poly.type   'polypeptide(L)'
_entity_poly.pdbx_seq_one_letter_code
;DDSRISSALQNLWTAAQAAMAAAVKAKAAEIAATKTPEEAKKVAEIAEKAIEIGKLAADAALGIAAAAGGKAVIAKMADG
ISPEKQAKYLAKFDAEAAAAKEGLAEAEKILKELLKEDPEAAKALTATALAAAAAAIAALLAAGLEHHHHHH
;
_entity_poly.pdbx_strand_id   A,B,C,D,E,F,G,H
#
# COMPACT_ATOMS: atom_id res chain seq x y z
N ILE A 5 -4.37 10.32 -4.44
CA ILE A 5 -4.55 9.53 -5.66
C ILE A 5 -3.79 8.22 -5.41
N SER A 6 -3.22 7.64 -6.47
CA SER A 6 -2.20 6.62 -6.29
C SER A 6 -0.91 7.23 -5.74
N SER A 7 -0.77 8.55 -5.88
CA SER A 7 0.29 9.30 -5.23
C SER A 7 0.41 8.93 -3.75
N ALA A 8 -0.64 9.22 -2.97
CA ALA A 8 -0.59 9.02 -1.53
C ALA A 8 -0.33 7.57 -1.14
N LEU A 9 -0.83 6.61 -1.91
CA LEU A 9 -0.52 5.21 -1.61
C LEU A 9 0.97 4.92 -1.77
N GLN A 10 1.57 5.46 -2.82
CA GLN A 10 3.00 5.29 -3.01
C GLN A 10 3.80 6.02 -1.94
N ASN A 11 3.34 7.19 -1.52
CA ASN A 11 4.00 7.87 -0.41
C ASN A 11 3.94 7.02 0.85
N LEU A 12 2.79 6.40 1.11
CA LEU A 12 2.65 5.49 2.26
C LEU A 12 3.63 4.34 2.18
N TRP A 13 3.70 3.68 1.02
CA TRP A 13 4.63 2.56 0.88
C TRP A 13 6.08 3.00 0.98
N THR A 14 6.41 4.16 0.44
CA THR A 14 7.76 4.68 0.54
C THR A 14 8.13 4.94 1.99
N ALA A 15 7.22 5.54 2.75
CA ALA A 15 7.51 5.82 4.15
C ALA A 15 7.59 4.54 4.97
N ALA A 16 6.78 3.53 4.62
CA ALA A 16 6.86 2.25 5.32
C ALA A 16 8.20 1.57 5.08
N GLN A 17 8.69 1.60 3.83
CA GLN A 17 10.00 1.06 3.53
C GLN A 17 11.09 1.85 4.25
N ALA A 18 10.91 3.16 4.37
CA ALA A 18 11.88 3.96 5.10
C ALA A 18 11.91 3.59 6.59
N ALA A 19 10.74 3.34 7.17
CA ALA A 19 10.68 2.90 8.57
C ALA A 19 11.35 1.54 8.73
N MET A 20 11.13 0.64 7.78
CA MET A 20 11.79 -0.66 7.81
C MET A 20 13.31 -0.50 7.80
N ALA A 21 13.81 0.31 6.87
CA ALA A 21 15.26 0.52 6.78
C ALA A 21 15.80 1.18 8.04
N ALA A 22 15.02 2.08 8.65
CA ALA A 22 15.47 2.74 9.87
C ALA A 22 15.55 1.75 11.03
N ALA A 23 14.60 0.82 11.12
CA ALA A 23 14.68 -0.21 12.15
C ALA A 23 15.91 -1.09 11.95
N VAL A 24 16.16 -1.50 10.70
CA VAL A 24 17.31 -2.34 10.43
C VAL A 24 18.61 -1.60 10.77
N LYS A 25 18.69 -0.31 10.44
CA LYS A 25 19.89 0.45 10.72
C LYS A 25 20.07 0.72 12.22
N ALA A 26 18.98 0.85 12.97
CA ALA A 26 19.11 0.96 14.41
C ALA A 26 19.69 -0.33 15.00
N LYS A 27 19.19 -1.48 14.54
CA LYS A 27 19.77 -2.74 14.97
C LYS A 27 21.24 -2.84 14.56
N ALA A 28 21.56 -2.35 13.35
CA ALA A 28 22.94 -2.38 12.88
C ALA A 28 23.85 -1.52 13.75
N ALA A 29 23.34 -0.37 14.22
CA ALA A 29 24.15 0.46 15.11
C ALA A 29 24.37 -0.25 16.45
N GLU A 30 23.32 -0.87 16.98
CA GLU A 30 23.47 -1.68 18.19
C GLU A 30 24.54 -2.75 18.03
N ILE A 31 24.55 -3.44 16.89
CA ILE A 31 25.54 -4.49 16.68
C ILE A 31 26.94 -3.91 16.50
N ALA A 32 27.06 -2.85 15.71
CA ALA A 32 28.37 -2.29 15.39
C ALA A 32 29.03 -1.65 16.61
N ALA A 33 28.24 -1.22 17.60
CA ALA A 33 28.85 -0.60 18.78
C ALA A 33 29.76 -1.56 19.54
N THR A 34 29.57 -2.88 19.37
CA THR A 34 30.40 -3.88 20.05
C THR A 34 31.42 -4.50 19.11
N LYS A 35 31.88 -3.75 18.10
CA LYS A 35 32.75 -4.26 17.07
C LYS A 35 33.82 -3.24 16.76
N THR A 36 34.83 -3.69 16.02
CA THR A 36 35.83 -2.76 15.54
C THR A 36 35.25 -2.00 14.37
N PRO A 37 35.76 -0.80 14.06
CA PRO A 37 35.21 -0.06 12.91
C PRO A 37 35.37 -0.84 11.62
N GLU A 38 36.43 -1.65 11.55
CA GLU A 38 36.72 -2.45 10.37
C GLU A 38 35.73 -3.60 10.22
N GLU A 39 35.24 -4.16 11.34
CA GLU A 39 34.12 -5.11 11.28
C GLU A 39 32.76 -4.42 11.25
N ALA A 40 32.67 -3.18 11.73
CA ALA A 40 31.42 -2.44 11.70
C ALA A 40 31.02 -2.07 10.28
N LYS A 41 32.01 -1.82 9.42
CA LYS A 41 31.72 -1.58 8.01
C LYS A 41 31.04 -2.79 7.38
N LYS A 42 31.53 -3.99 7.74
CA LYS A 42 30.90 -5.23 7.28
C LYS A 42 29.48 -5.36 7.83
N VAL A 43 29.28 -4.97 9.09
CA VAL A 43 27.93 -5.00 9.66
C VAL A 43 27.00 -4.08 8.89
N ALA A 44 27.51 -2.92 8.45
CA ALA A 44 26.68 -1.99 7.69
C ALA A 44 26.30 -2.57 6.34
N GLU A 45 27.22 -3.28 5.69
CA GLU A 45 26.89 -3.86 4.39
C GLU A 45 25.85 -4.98 4.54
N ILE A 46 25.99 -5.78 5.59
CA ILE A 46 24.99 -6.81 5.87
C ILE A 46 23.64 -6.18 6.17
N ALA A 47 23.64 -5.03 6.83
CA ALA A 47 22.38 -4.35 7.13
C ALA A 47 21.70 -3.86 5.86
N GLU A 48 22.47 -3.36 4.90
CA GLU A 48 21.88 -2.94 3.63
C GLU A 48 21.24 -4.12 2.91
N LYS A 49 21.95 -5.26 2.86
CA LYS A 49 21.38 -6.43 2.20
C LYS A 49 20.15 -6.96 2.95
N ALA A 50 20.12 -6.83 4.28
CA ALA A 50 18.95 -7.25 5.04
C ALA A 50 17.76 -6.33 4.77
N ILE A 51 17.99 -5.03 4.64
CA ILE A 51 16.94 -4.11 4.22
C ILE A 51 16.36 -4.56 2.88
N GLU A 52 17.24 -4.94 1.96
CA GLU A 52 16.77 -5.42 0.66
C GLU A 52 15.91 -6.67 0.82
N ILE A 53 16.35 -7.60 1.68
CA ILE A 53 15.55 -8.80 1.96
C ILE A 53 14.16 -8.43 2.46
N GLY A 54 14.09 -7.48 3.39
CA GLY A 54 12.80 -7.08 3.93
C GLY A 54 11.88 -6.50 2.88
N LYS A 55 12.42 -5.62 2.03
CA LYS A 55 11.63 -5.06 0.94
C LYS A 55 11.11 -6.16 0.02
N LEU A 56 11.99 -7.10 -0.37
CA LEU A 56 11.57 -8.19 -1.25
C LEU A 56 10.46 -9.02 -0.62
N ALA A 57 10.60 -9.36 0.67
CA ALA A 57 9.60 -10.19 1.33
C ALA A 57 8.26 -9.46 1.43
N ALA A 58 8.29 -8.17 1.72
CA ALA A 58 7.05 -7.40 1.80
C ALA A 58 6.36 -7.36 0.45
N ASP A 59 7.10 -7.02 -0.61
CA ASP A 59 6.53 -6.97 -1.95
C ASP A 59 5.96 -8.33 -2.35
N ALA A 60 6.67 -9.42 -2.02
CA ALA A 60 6.20 -10.75 -2.39
C ALA A 60 4.92 -11.12 -1.64
N ALA A 61 4.86 -10.83 -0.35
CA ALA A 61 3.64 -11.13 0.41
C ALA A 61 2.45 -10.35 -0.13
N LEU A 62 2.66 -9.07 -0.44
CA LEU A 62 1.56 -8.27 -0.99
C LEU A 62 1.11 -8.82 -2.34
N GLY A 63 2.07 -9.20 -3.20
CA GLY A 63 1.69 -9.74 -4.50
C GLY A 63 0.95 -11.06 -4.40
N ILE A 64 1.40 -11.95 -3.50
CA ILE A 64 0.72 -13.23 -3.31
C ILE A 64 -0.69 -13.00 -2.79
N ALA A 65 -0.86 -12.07 -1.84
CA ALA A 65 -2.18 -11.81 -1.30
C ALA A 65 -3.10 -11.20 -2.35
N ALA A 66 -2.60 -10.27 -3.15
CA ALA A 66 -3.39 -9.67 -4.21
C ALA A 66 -3.80 -10.71 -5.24
N ALA A 67 -2.89 -11.62 -5.60
CA ALA A 67 -3.22 -12.65 -6.57
C ALA A 67 -4.29 -13.60 -6.03
N ALA A 68 -4.15 -14.01 -4.76
CA ALA A 68 -5.16 -14.87 -4.16
C ALA A 68 -6.52 -14.17 -4.10
N GLY A 69 -6.52 -12.89 -3.75
CA GLY A 69 -7.77 -12.15 -3.71
C GLY A 69 -8.42 -12.03 -5.08
N GLY A 70 -7.62 -11.74 -6.11
CA GLY A 70 -8.17 -11.69 -7.46
C GLY A 70 -8.73 -13.03 -7.92
N LYS A 71 -8.02 -14.12 -7.63
CA LYS A 71 -8.53 -15.44 -8.01
C LYS A 71 -9.80 -15.78 -7.25
N ALA A 72 -9.94 -15.29 -6.02
CA ALA A 72 -11.19 -15.49 -5.28
C ALA A 72 -12.31 -14.64 -5.87
N VAL A 73 -12.00 -13.43 -6.32
CA VAL A 73 -12.99 -12.58 -6.96
C VAL A 73 -13.50 -13.23 -8.24
N ILE A 74 -12.59 -13.85 -9.01
CA ILE A 74 -13.04 -14.52 -10.22
C ILE A 74 -13.87 -15.75 -9.86
N ALA A 75 -13.56 -16.41 -8.74
CA ALA A 75 -14.32 -17.58 -8.33
C ALA A 75 -15.71 -17.24 -7.81
N LYS A 76 -16.06 -15.97 -7.67
CA LYS A 76 -17.43 -15.57 -7.36
C LYS A 76 -18.14 -15.13 -8.63
N MET A 77 -17.50 -14.26 -9.42
CA MET A 77 -17.99 -13.96 -10.76
C MET A 77 -17.92 -15.24 -11.59
N ALA A 78 -18.65 -16.27 -11.18
CA ALA A 78 -18.51 -17.60 -11.77
C ALA A 78 -18.99 -17.61 -13.22
N ASP A 79 -20.27 -17.87 -13.43
CA ASP A 79 -20.83 -17.76 -14.77
C ASP A 79 -21.22 -16.34 -15.12
N GLY A 80 -20.95 -15.37 -14.25
CA GLY A 80 -21.07 -13.98 -14.63
C GLY A 80 -20.07 -13.54 -15.68
N ILE A 81 -19.06 -14.36 -15.95
CA ILE A 81 -18.06 -14.08 -16.98
C ILE A 81 -17.72 -15.38 -17.69
N SER A 82 -17.35 -15.25 -18.97
CA SER A 82 -17.13 -16.42 -19.81
C SER A 82 -15.87 -17.18 -19.36
N PRO A 83 -15.86 -18.50 -19.55
CA PRO A 83 -14.67 -19.29 -19.19
C PRO A 83 -13.39 -18.79 -19.84
N GLU A 84 -13.49 -18.21 -21.04
CA GLU A 84 -12.30 -17.66 -21.69
C GLU A 84 -11.72 -16.49 -20.90
N LYS A 85 -12.57 -15.58 -20.43
CA LYS A 85 -12.08 -14.47 -19.64
C LYS A 85 -11.67 -14.93 -18.25
N GLN A 86 -12.38 -15.94 -17.72
CA GLN A 86 -11.97 -16.55 -16.46
C GLN A 86 -10.52 -17.01 -16.55
N ALA A 87 -10.18 -17.75 -17.61
CA ALA A 87 -8.82 -18.22 -17.78
C ALA A 87 -7.84 -17.07 -17.99
N LYS A 88 -8.22 -16.09 -18.83
CA LYS A 88 -7.42 -14.88 -19.02
C LYS A 88 -6.96 -14.29 -17.69
N TYR A 89 -7.88 -14.07 -16.78
CA TYR A 89 -7.49 -13.35 -15.56
C TYR A 89 -6.91 -14.27 -14.49
N LEU A 90 -7.34 -15.54 -14.45
CA LEU A 90 -6.67 -16.49 -13.56
C LEU A 90 -5.21 -16.69 -13.95
N ALA A 91 -4.89 -16.56 -15.24
CA ALA A 91 -3.49 -16.70 -15.66
C ALA A 91 -2.70 -15.46 -15.30
N LYS A 92 -3.18 -14.28 -15.73
CA LYS A 92 -2.64 -13.00 -15.27
C LYS A 92 -2.30 -13.04 -13.76
N PHE A 93 -3.21 -13.57 -12.94
CA PHE A 93 -2.98 -13.64 -11.50
C PHE A 93 -1.94 -14.71 -11.11
N ASP A 94 -1.92 -15.85 -11.81
CA ASP A 94 -0.87 -16.84 -11.55
C ASP A 94 0.51 -16.30 -11.87
N ALA A 95 0.61 -15.50 -12.92
CA ALA A 95 1.89 -14.87 -13.25
C ALA A 95 2.27 -13.87 -12.16
N GLU A 96 1.27 -13.15 -11.64
CA GLU A 96 1.51 -12.21 -10.55
C GLU A 96 2.11 -12.95 -9.34
N ALA A 97 1.51 -14.09 -8.97
CA ALA A 97 2.05 -14.88 -7.86
C ALA A 97 3.45 -15.41 -8.16
N ALA A 98 3.69 -15.84 -9.41
CA ALA A 98 5.00 -16.36 -9.77
C ALA A 98 6.08 -15.29 -9.61
N ALA A 99 5.79 -14.05 -10.01
CA ALA A 99 6.74 -12.97 -9.81
C ALA A 99 7.02 -12.74 -8.32
N ALA A 100 5.97 -12.85 -7.49
CA ALA A 100 6.20 -12.72 -6.06
C ALA A 100 7.12 -13.83 -5.54
N LYS A 101 6.90 -15.06 -5.98
CA LYS A 101 7.77 -16.15 -5.54
C LYS A 101 9.20 -15.98 -6.05
N GLU A 102 9.37 -15.36 -7.22
CA GLU A 102 10.70 -15.00 -7.69
C GLU A 102 11.39 -14.05 -6.72
N GLY A 103 10.64 -13.06 -6.24
CA GLY A 103 11.20 -12.15 -5.24
C GLY A 103 11.60 -12.86 -3.96
N LEU A 104 10.77 -13.83 -3.54
CA LEU A 104 11.12 -14.63 -2.37
C LEU A 104 12.40 -15.44 -2.59
N ALA A 105 12.55 -16.01 -3.79
CA ALA A 105 13.75 -16.77 -4.11
C ALA A 105 14.99 -15.87 -4.04
N GLU A 106 14.89 -14.65 -4.58
CA GLU A 106 16.02 -13.72 -4.51
C GLU A 106 16.35 -13.36 -3.06
N ALA A 107 15.31 -13.16 -2.24
CA ALA A 107 15.55 -12.90 -0.81
C ALA A 107 16.28 -14.06 -0.15
N GLU A 108 15.91 -15.30 -0.48
CA GLU A 108 16.59 -16.47 0.07
C GLU A 108 18.03 -16.53 -0.39
N LYS A 109 18.26 -16.13 -1.65
CA LYS A 109 19.61 -16.13 -2.21
C LYS A 109 20.51 -15.18 -1.40
N ILE A 110 20.02 -13.97 -1.15
CA ILE A 110 20.74 -12.98 -0.34
C ILE A 110 20.95 -13.47 1.09
N LEU A 111 19.92 -14.08 1.69
CA LEU A 111 20.06 -14.53 3.06
C LEU A 111 21.10 -15.63 3.19
N LYS A 112 21.18 -16.52 2.19
CA LYS A 112 22.18 -17.59 2.29
C LYS A 112 23.60 -17.04 2.20
N GLU A 113 23.85 -16.09 1.28
CA GLU A 113 25.19 -15.48 1.37
C GLU A 113 25.43 -14.66 2.63
N LEU A 114 24.41 -13.96 3.16
CA LEU A 114 24.65 -13.21 4.40
C LEU A 114 24.97 -14.15 5.55
N LEU A 115 24.36 -15.34 5.55
CA LEU A 115 24.75 -16.34 6.53
C LEU A 115 26.15 -16.88 6.25
N LYS A 116 26.61 -16.81 5.00
CA LYS A 116 27.98 -17.19 4.72
C LYS A 116 28.98 -16.06 5.02
N GLU A 117 28.50 -14.88 5.40
CA GLU A 117 29.40 -13.76 5.72
C GLU A 117 29.53 -13.48 7.22
N ASP A 118 28.44 -13.63 7.97
CA ASP A 118 28.42 -13.44 9.42
C ASP A 118 27.05 -13.91 9.89
N PRO A 119 26.94 -15.16 10.34
CA PRO A 119 25.60 -15.72 10.58
C PRO A 119 24.83 -15.04 11.70
N GLU A 120 25.49 -14.59 12.77
CA GLU A 120 24.73 -14.03 13.88
C GLU A 120 24.22 -12.63 13.54
N ALA A 121 25.05 -11.82 12.88
CA ALA A 121 24.61 -10.50 12.46
C ALA A 121 23.56 -10.61 11.37
N ALA A 122 23.74 -11.57 10.45
CA ALA A 122 22.74 -11.82 9.42
C ALA A 122 21.41 -12.20 10.03
N LYS A 123 21.42 -13.08 11.03
CA LYS A 123 20.18 -13.53 11.66
C LYS A 123 19.49 -12.37 12.36
N ALA A 124 20.24 -11.57 13.12
CA ALA A 124 19.62 -10.48 13.86
C ALA A 124 19.06 -9.41 12.92
N LEU A 125 19.84 -9.01 11.91
CA LEU A 125 19.40 -7.96 11.00
C LEU A 125 18.24 -8.44 10.13
N THR A 126 18.27 -9.70 9.69
CA THR A 126 17.16 -10.21 8.87
C THR A 126 15.90 -10.39 9.71
N ALA A 127 16.03 -10.77 10.98
CA ALA A 127 14.86 -10.83 11.85
C ALA A 127 14.25 -9.45 12.04
N THR A 128 15.09 -8.43 12.27
CA THR A 128 14.57 -7.06 12.37
C THR A 128 13.88 -6.64 11.09
N ALA A 129 14.48 -6.93 9.94
CA ALA A 129 13.90 -6.55 8.65
C ALA A 129 12.55 -7.22 8.43
N LEU A 130 12.47 -8.52 8.73
CA LEU A 130 11.22 -9.25 8.53
C LEU A 130 10.14 -8.81 9.50
N ALA A 131 10.52 -8.46 10.74
CA ALA A 131 9.53 -7.95 11.67
C ALA A 131 8.98 -6.60 11.23
N ALA A 132 9.85 -5.70 10.79
CA ALA A 132 9.40 -4.42 10.26
C ALA A 132 8.51 -4.62 9.03
N ALA A 133 8.87 -5.60 8.19
CA ALA A 133 8.06 -5.89 7.01
C ALA A 133 6.69 -6.40 7.40
N ALA A 134 6.62 -7.29 8.40
CA ALA A 134 5.33 -7.78 8.86
C ALA A 134 4.48 -6.65 9.41
N ALA A 135 5.10 -5.74 10.17
CA ALA A 135 4.34 -4.61 10.72
C ALA A 135 3.80 -3.72 9.60
N ALA A 136 4.62 -3.48 8.57
CA ALA A 136 4.16 -2.64 7.46
C ALA A 136 3.05 -3.34 6.67
N ILE A 137 3.22 -4.64 6.38
CA ILE A 137 2.21 -5.39 5.64
C ILE A 137 0.88 -5.37 6.39
N ALA A 138 0.93 -5.54 7.71
CA ALA A 138 -0.30 -5.52 8.50
C ALA A 138 -0.91 -4.13 8.53
N ALA A 139 -0.08 -3.08 8.62
CA ALA A 139 -0.61 -1.72 8.66
C ALA A 139 -1.31 -1.36 7.35
N LEU A 140 -0.73 -1.75 6.21
CA LEU A 140 -1.35 -1.49 4.92
C LEU A 140 -2.68 -2.25 4.80
N LEU A 141 -2.65 -3.56 4.97
CA LEU A 141 -3.85 -4.36 4.87
C LEU A 141 -4.80 -4.08 6.03
N ILE B 5 23.98 -15.46 -35.62
CA ILE B 5 23.14 -16.61 -35.29
C ILE B 5 21.71 -16.19 -34.97
N SER B 6 21.46 -15.62 -33.77
CA SER B 6 20.16 -15.03 -33.50
C SER B 6 19.82 -13.95 -34.52
N SER B 7 20.84 -13.25 -35.01
CA SER B 7 20.73 -12.39 -36.18
C SER B 7 19.99 -13.10 -37.32
N ALA B 8 20.60 -14.15 -37.87
CA ALA B 8 20.03 -14.84 -39.02
C ALA B 8 18.66 -15.44 -38.72
N LEU B 9 18.45 -15.94 -37.50
CA LEU B 9 17.13 -16.50 -37.17
C LEU B 9 16.06 -15.41 -37.21
N GLN B 10 16.34 -14.23 -36.67
CA GLN B 10 15.34 -13.19 -36.79
C GLN B 10 15.21 -12.65 -38.21
N ASN B 11 16.29 -12.58 -38.96
CA ASN B 11 16.15 -12.21 -40.37
C ASN B 11 15.19 -13.16 -41.06
N LEU B 12 15.29 -14.45 -40.72
CA LEU B 12 14.34 -15.45 -41.21
C LEU B 12 12.92 -15.10 -40.78
N TRP B 13 12.73 -14.74 -39.52
CA TRP B 13 11.38 -14.43 -39.03
C TRP B 13 10.79 -13.25 -39.80
N THR B 14 11.60 -12.21 -39.96
CA THR B 14 11.17 -10.98 -40.65
C THR B 14 10.82 -11.27 -42.10
N ALA B 15 11.65 -12.04 -42.79
CA ALA B 15 11.38 -12.34 -44.18
C ALA B 15 10.15 -13.23 -44.33
N ALA B 16 9.91 -14.12 -43.36
CA ALA B 16 8.71 -14.95 -43.42
C ALA B 16 7.46 -14.09 -43.23
N GLN B 17 7.49 -13.15 -42.30
CA GLN B 17 6.34 -12.25 -42.15
C GLN B 17 6.17 -11.38 -43.39
N ALA B 18 7.27 -11.00 -44.04
CA ALA B 18 7.18 -10.22 -45.26
C ALA B 18 6.55 -11.03 -46.38
N ALA B 19 6.88 -12.31 -46.49
CA ALA B 19 6.22 -13.17 -47.47
C ALA B 19 4.73 -13.28 -47.18
N MET B 20 4.37 -13.40 -45.90
CA MET B 20 2.96 -13.43 -45.51
C MET B 20 2.24 -12.15 -45.97
N ALA B 21 2.83 -11.00 -45.66
CA ALA B 21 2.23 -9.73 -46.04
C ALA B 21 2.15 -9.59 -47.55
N ALA B 22 3.15 -10.09 -48.27
CA ALA B 22 3.13 -9.99 -49.72
C ALA B 22 2.02 -10.84 -50.32
N ALA B 23 1.78 -12.03 -49.75
CA ALA B 23 0.66 -12.85 -50.20
C ALA B 23 -0.67 -12.13 -49.95
N VAL B 24 -0.81 -11.55 -48.75
CA VAL B 24 -2.04 -10.82 -48.44
C VAL B 24 -2.22 -9.63 -49.38
N LYS B 25 -1.14 -8.88 -49.69
CA LYS B 25 -1.31 -7.75 -50.60
C LYS B 25 -1.53 -8.18 -52.05
N ALA B 26 -1.02 -9.34 -52.46
CA ALA B 26 -1.37 -9.83 -53.79
C ALA B 26 -2.86 -10.14 -53.87
N LYS B 27 -3.39 -10.84 -52.86
CA LYS B 27 -4.82 -11.09 -52.82
C LYS B 27 -5.62 -9.79 -52.75
N ALA B 28 -5.11 -8.81 -52.01
CA ALA B 28 -5.78 -7.51 -51.91
C ALA B 28 -5.80 -6.81 -53.26
N ALA B 29 -4.74 -6.93 -54.06
CA ALA B 29 -4.76 -6.33 -55.38
C ALA B 29 -5.78 -7.03 -56.27
N GLU B 30 -5.83 -8.36 -56.21
CA GLU B 30 -6.84 -9.11 -56.95
C GLU B 30 -8.25 -8.67 -56.58
N ILE B 31 -8.50 -8.43 -55.29
CA ILE B 31 -9.84 -8.01 -54.87
C ILE B 31 -10.13 -6.58 -55.32
N ALA B 32 -9.15 -5.68 -55.13
CA ALA B 32 -9.38 -4.27 -55.42
C ALA B 32 -9.53 -4.00 -56.90
N ALA B 33 -8.97 -4.86 -57.76
CA ALA B 33 -9.10 -4.65 -59.20
C ALA B 33 -10.54 -4.72 -59.67
N THR B 34 -11.44 -5.34 -58.90
CA THR B 34 -12.84 -5.45 -59.27
C THR B 34 -13.73 -4.48 -58.49
N LYS B 35 -13.18 -3.36 -58.06
CA LYS B 35 -13.92 -2.42 -57.23
C LYS B 35 -13.54 -0.99 -57.61
N THR B 36 -14.31 -0.06 -57.07
CA THR B 36 -14.08 1.36 -57.25
C THR B 36 -12.88 1.77 -56.42
N PRO B 37 -12.25 2.91 -56.73
CA PRO B 37 -11.10 3.34 -55.90
C PRO B 37 -11.47 3.46 -54.44
N GLU B 38 -12.75 3.72 -54.16
CA GLU B 38 -13.20 3.93 -52.80
C GLU B 38 -13.10 2.62 -52.03
N GLU B 39 -13.62 1.57 -52.68
CA GLU B 39 -13.58 0.23 -52.13
C GLU B 39 -12.20 -0.38 -52.22
N ALA B 40 -11.35 0.10 -53.14
CA ALA B 40 -9.98 -0.38 -53.15
C ALA B 40 -9.22 0.15 -51.95
N LYS B 41 -9.51 1.38 -51.53
CA LYS B 41 -8.94 1.90 -50.29
C LYS B 41 -9.40 1.06 -49.10
N LYS B 42 -10.69 0.71 -49.10
CA LYS B 42 -11.22 -0.14 -48.04
C LYS B 42 -10.57 -1.52 -48.04
N VAL B 43 -10.35 -2.09 -49.23
CA VAL B 43 -9.69 -3.40 -49.33
C VAL B 43 -8.27 -3.32 -48.80
N ALA B 44 -7.56 -2.23 -49.08
CA ALA B 44 -6.19 -2.11 -48.60
C ALA B 44 -6.14 -2.04 -47.08
N GLU B 45 -7.10 -1.34 -46.47
CA GLU B 45 -7.09 -1.24 -45.01
C GLU B 45 -7.45 -2.58 -44.36
N ILE B 46 -8.42 -3.29 -44.94
CA ILE B 46 -8.76 -4.61 -44.44
C ILE B 46 -7.57 -5.56 -44.61
N ALA B 47 -6.81 -5.41 -45.69
CA ALA B 47 -5.64 -6.26 -45.92
C ALA B 47 -4.57 -6.00 -44.87
N GLU B 48 -4.37 -4.74 -44.50
CA GLU B 48 -3.39 -4.45 -43.44
C GLU B 48 -3.81 -5.11 -42.13
N LYS B 49 -5.09 -4.99 -41.76
CA LYS B 49 -5.52 -5.63 -40.52
C LYS B 49 -5.42 -7.15 -40.61
N ALA B 50 -5.64 -7.72 -41.80
CA ALA B 50 -5.50 -9.16 -41.99
C ALA B 50 -4.05 -9.61 -41.87
N ILE B 51 -3.12 -8.81 -42.41
CA ILE B 51 -1.70 -9.09 -42.20
C ILE B 51 -1.40 -9.14 -40.72
N GLU B 52 -1.95 -8.21 -39.95
CA GLU B 52 -1.76 -8.24 -38.51
C GLU B 52 -2.34 -9.52 -37.90
N ILE B 53 -3.53 -9.93 -38.35
CA ILE B 53 -4.12 -11.18 -37.87
C ILE B 53 -3.17 -12.34 -38.11
N GLY B 54 -2.59 -12.41 -39.31
CA GLY B 54 -1.68 -13.50 -39.63
C GLY B 54 -0.46 -13.50 -38.72
N LYS B 55 0.13 -12.32 -38.48
CA LYS B 55 1.26 -12.23 -37.58
C LYS B 55 0.89 -12.74 -36.19
N LEU B 56 -0.26 -12.29 -35.68
CA LEU B 56 -0.70 -12.72 -34.36
C LEU B 56 -0.88 -14.22 -34.29
N ALA B 57 -1.52 -14.81 -35.32
CA ALA B 57 -1.77 -16.25 -35.30
C ALA B 57 -0.47 -17.04 -35.35
N ALA B 58 0.49 -16.59 -36.16
CA ALA B 58 1.78 -17.28 -36.23
C ALA B 58 2.50 -17.22 -34.89
N ASP B 59 2.59 -16.02 -34.30
CA ASP B 59 3.26 -15.89 -33.01
C ASP B 59 2.56 -16.73 -31.94
N ALA B 60 1.23 -16.77 -31.95
CA ALA B 60 0.51 -17.53 -30.94
C ALA B 60 0.75 -19.02 -31.09
N ALA B 61 0.71 -19.54 -32.33
CA ALA B 61 0.97 -20.96 -32.53
C ALA B 61 2.38 -21.33 -32.10
N LEU B 62 3.36 -20.49 -32.45
CA LEU B 62 4.73 -20.77 -32.04
C LEU B 62 4.89 -20.72 -30.52
N GLY B 63 4.25 -19.76 -29.86
CA GLY B 63 4.35 -19.68 -28.41
C GLY B 63 3.71 -20.86 -27.72
N ILE B 64 2.55 -21.29 -28.19
CA ILE B 64 1.89 -22.46 -27.61
C ILE B 64 2.75 -23.70 -27.80
N ALA B 65 3.34 -23.85 -28.99
CA ALA B 65 4.17 -25.03 -29.25
C ALA B 65 5.43 -25.01 -28.40
N ALA B 66 6.07 -23.85 -28.27
CA ALA B 66 7.26 -23.75 -27.45
C ALA B 66 6.96 -24.03 -25.98
N ALA B 67 5.83 -23.54 -25.48
CA ALA B 67 5.46 -23.81 -24.09
C ALA B 67 5.20 -25.29 -23.87
N ALA B 68 4.47 -25.93 -24.79
CA ALA B 68 4.22 -27.36 -24.67
C ALA B 68 5.51 -28.16 -24.72
N GLY B 69 6.42 -27.80 -25.62
CA GLY B 69 7.69 -28.50 -25.70
C GLY B 69 8.52 -28.34 -24.45
N GLY B 70 8.60 -27.12 -23.92
CA GLY B 70 9.32 -26.91 -22.67
C GLY B 70 8.73 -27.69 -21.51
N LYS B 71 7.41 -27.72 -21.41
CA LYS B 71 6.78 -28.48 -20.33
C LYS B 71 7.03 -29.97 -20.49
N ALA B 72 7.05 -30.47 -21.73
CA ALA B 72 7.43 -31.86 -21.94
C ALA B 72 8.88 -32.11 -21.56
N VAL B 73 9.75 -31.11 -21.75
CA VAL B 73 11.14 -31.25 -21.35
C VAL B 73 11.27 -31.33 -19.84
N ILE B 74 10.51 -30.49 -19.11
CA ILE B 74 10.61 -30.51 -17.66
C ILE B 74 10.04 -31.80 -17.06
N ALA B 75 9.00 -32.37 -17.66
CA ALA B 75 8.46 -33.62 -17.13
C ALA B 75 9.40 -34.79 -17.40
N LYS B 76 10.51 -34.52 -18.10
CA LYS B 76 11.59 -35.44 -18.40
C LYS B 76 12.79 -35.24 -17.48
N MET B 77 13.29 -34.01 -17.36
CA MET B 77 14.34 -33.69 -16.40
C MET B 77 13.90 -33.85 -14.94
N ALA B 78 12.73 -34.43 -14.65
CA ALA B 78 12.18 -34.51 -13.30
C ALA B 78 13.19 -34.97 -12.25
N ASP B 79 14.04 -35.94 -12.61
CA ASP B 79 15.03 -36.48 -11.71
C ASP B 79 15.98 -35.38 -11.21
N GLY B 80 16.81 -34.86 -12.12
CA GLY B 80 17.81 -33.89 -11.76
C GLY B 80 17.29 -32.46 -11.68
N ILE B 81 16.04 -32.28 -11.26
CA ILE B 81 15.50 -30.95 -11.02
C ILE B 81 14.70 -30.98 -9.73
N SER B 82 14.76 -29.89 -8.98
CA SER B 82 14.05 -29.72 -7.73
C SER B 82 12.65 -29.16 -7.98
N PRO B 83 11.70 -29.46 -7.09
CA PRO B 83 10.33 -28.95 -7.30
C PRO B 83 10.25 -27.44 -7.39
N GLU B 84 11.12 -26.71 -6.68
CA GLU B 84 11.11 -25.25 -6.76
C GLU B 84 11.47 -24.76 -8.16
N LYS B 85 12.57 -25.28 -8.72
CA LYS B 85 12.99 -24.88 -10.05
C LYS B 85 12.00 -25.39 -11.10
N GLN B 86 11.49 -26.61 -10.89
CA GLN B 86 10.47 -27.17 -11.76
C GLN B 86 9.26 -26.25 -11.85
N ALA B 87 8.82 -25.71 -10.71
CA ALA B 87 7.70 -24.78 -10.70
C ALA B 87 8.06 -23.45 -11.36
N LYS B 88 9.22 -22.90 -10.99
CA LYS B 88 9.79 -21.73 -11.66
C LYS B 88 9.54 -21.77 -13.17
N TYR B 89 9.96 -22.86 -13.78
CA TYR B 89 9.92 -22.92 -15.25
C TYR B 89 8.60 -23.42 -15.82
N LEU B 90 7.86 -24.28 -15.12
CA LEU B 90 6.52 -24.64 -15.57
C LEU B 90 5.60 -23.42 -15.56
N ALA B 91 5.81 -22.51 -14.62
CA ALA B 91 5.05 -21.27 -14.60
C ALA B 91 5.47 -20.37 -15.76
N LYS B 92 6.78 -20.13 -15.89
CA LYS B 92 7.28 -19.41 -17.07
C LYS B 92 6.62 -19.91 -18.38
N PHE B 93 6.49 -21.23 -18.54
CA PHE B 93 5.91 -21.78 -19.77
C PHE B 93 4.40 -21.56 -19.85
N ASP B 94 3.71 -21.66 -18.72
CA ASP B 94 2.29 -21.33 -18.73
C ASP B 94 2.08 -19.87 -19.08
N ALA B 95 3.00 -18.99 -18.66
CA ALA B 95 2.92 -17.58 -19.03
C ALA B 95 3.11 -17.39 -20.53
N GLU B 96 4.03 -18.13 -21.14
CA GLU B 96 4.18 -18.07 -22.59
C GLU B 96 2.87 -18.45 -23.28
N ALA B 97 2.26 -19.56 -22.84
CA ALA B 97 0.99 -19.99 -23.43
C ALA B 97 -0.10 -18.95 -23.25
N ALA B 98 -0.15 -18.31 -22.08
CA ALA B 98 -1.16 -17.28 -21.84
C ALA B 98 -0.96 -16.08 -22.76
N ALA B 99 0.28 -15.66 -22.97
CA ALA B 99 0.54 -14.56 -23.90
C ALA B 99 0.12 -14.93 -25.32
N ALA B 100 0.34 -16.19 -25.70
CA ALA B 100 -0.12 -16.63 -27.02
C ALA B 100 -1.63 -16.55 -27.14
N LYS B 101 -2.35 -16.98 -26.11
CA LYS B 101 -3.81 -16.88 -26.16
C LYS B 101 -4.27 -15.42 -26.18
N GLU B 102 -3.49 -14.53 -25.55
CA GLU B 102 -3.77 -13.10 -25.65
C GLU B 102 -3.70 -12.62 -27.10
N GLY B 103 -2.65 -13.05 -27.81
CA GLY B 103 -2.55 -12.70 -29.22
C GLY B 103 -3.68 -13.26 -30.04
N LEU B 104 -4.09 -14.49 -29.74
CA LEU B 104 -5.25 -15.06 -30.45
C LEU B 104 -6.52 -14.26 -30.20
N ALA B 105 -6.71 -13.79 -28.96
CA ALA B 105 -7.90 -13.02 -28.64
C ALA B 105 -7.94 -11.72 -29.43
N GLU B 106 -6.83 -10.98 -29.47
CA GLU B 106 -6.84 -9.76 -30.27
C GLU B 106 -7.02 -10.05 -31.76
N ALA B 107 -6.44 -11.15 -32.25
CA ALA B 107 -6.68 -11.52 -33.65
C ALA B 107 -8.16 -11.75 -33.94
N GLU B 108 -8.84 -12.45 -33.04
CA GLU B 108 -10.27 -12.66 -33.22
C GLU B 108 -11.00 -11.33 -33.17
N LYS B 109 -10.52 -10.41 -32.35
CA LYS B 109 -11.14 -9.10 -32.24
C LYS B 109 -11.03 -8.35 -33.55
N ILE B 110 -9.88 -8.44 -34.19
CA ILE B 110 -9.70 -7.77 -35.47
C ILE B 110 -10.57 -8.44 -36.53
N LEU B 111 -10.68 -9.76 -36.46
CA LEU B 111 -11.46 -10.48 -37.46
C LEU B 111 -12.94 -10.15 -37.37
N LYS B 112 -13.44 -10.00 -36.16
CA LYS B 112 -14.85 -9.68 -35.97
C LYS B 112 -15.19 -8.31 -36.55
N GLU B 113 -14.35 -7.32 -36.26
CA GLU B 113 -14.57 -5.99 -36.80
C GLU B 113 -14.46 -5.98 -38.32
N LEU B 114 -13.52 -6.74 -38.85
CA LEU B 114 -13.34 -6.82 -40.29
C LEU B 114 -14.57 -7.43 -40.93
N LEU B 115 -15.15 -8.44 -40.29
CA LEU B 115 -16.37 -9.05 -40.79
C LEU B 115 -17.52 -8.06 -40.73
N LYS B 116 -17.40 -7.06 -39.88
CA LYS B 116 -18.39 -6.01 -39.90
C LYS B 116 -18.17 -5.00 -41.03
N GLU B 117 -16.93 -4.73 -41.42
CA GLU B 117 -16.85 -3.81 -42.55
C GLU B 117 -17.25 -4.38 -43.90
N ASP B 118 -16.76 -5.55 -44.27
CA ASP B 118 -16.92 -6.13 -45.59
C ASP B 118 -16.58 -7.61 -45.43
N PRO B 119 -17.60 -8.44 -45.24
CA PRO B 119 -17.33 -9.83 -44.82
C PRO B 119 -16.58 -10.67 -45.85
N GLU B 120 -16.84 -10.49 -47.14
CA GLU B 120 -16.20 -11.35 -48.14
C GLU B 120 -14.73 -11.01 -48.31
N ALA B 121 -14.40 -9.73 -48.32
CA ALA B 121 -13.01 -9.34 -48.39
C ALA B 121 -12.26 -9.70 -47.11
N ALA B 122 -12.92 -9.55 -45.96
CA ALA B 122 -12.32 -9.96 -44.70
C ALA B 122 -12.03 -11.45 -44.70
N LYS B 123 -12.99 -12.25 -45.15
CA LYS B 123 -12.81 -13.70 -45.16
C LYS B 123 -11.69 -14.10 -46.11
N ALA B 124 -11.67 -13.53 -47.32
CA ALA B 124 -10.66 -13.92 -48.29
C ALA B 124 -9.26 -13.51 -47.83
N LEU B 125 -9.12 -12.26 -47.37
CA LEU B 125 -7.80 -11.77 -46.97
C LEU B 125 -7.31 -12.47 -45.70
N THR B 126 -8.21 -12.76 -44.76
CA THR B 126 -7.80 -13.46 -43.55
C THR B 126 -7.44 -14.91 -43.84
N ALA B 127 -8.15 -15.55 -44.79
CA ALA B 127 -7.77 -16.90 -45.19
C ALA B 127 -6.40 -16.91 -45.87
N THR B 128 -6.14 -15.92 -46.73
CA THR B 128 -4.81 -15.82 -47.33
C THR B 128 -3.74 -15.63 -46.27
N ALA B 129 -4.00 -14.76 -45.29
CA ALA B 129 -3.03 -14.51 -44.22
C ALA B 129 -2.77 -15.77 -43.41
N LEU B 130 -3.83 -16.51 -43.05
CA LEU B 130 -3.67 -17.70 -42.24
C LEU B 130 -2.98 -18.82 -43.02
N ALA B 131 -3.23 -18.92 -44.33
CA ALA B 131 -2.52 -19.92 -45.13
C ALA B 131 -1.04 -19.60 -45.20
N ALA B 132 -0.70 -18.32 -45.43
CA ALA B 132 0.71 -17.93 -45.44
C ALA B 132 1.35 -18.18 -44.07
N ALA B 133 0.59 -17.93 -43.00
CA ALA B 133 1.11 -18.17 -41.65
C ALA B 133 1.36 -19.66 -41.41
N ALA B 134 0.44 -20.53 -41.84
CA ALA B 134 0.66 -21.96 -41.68
C ALA B 134 1.88 -22.42 -42.48
N ALA B 135 2.02 -21.90 -43.70
CA ALA B 135 3.19 -22.28 -44.51
C ALA B 135 4.49 -21.82 -43.85
N ALA B 136 4.48 -20.62 -43.27
CA ALA B 136 5.68 -20.12 -42.60
C ALA B 136 5.98 -20.94 -41.35
N ILE B 137 4.97 -21.20 -40.52
CA ILE B 137 5.17 -21.98 -39.30
C ILE B 137 5.74 -23.35 -39.61
N ALA B 138 5.14 -24.04 -40.58
CA ALA B 138 5.57 -25.39 -40.89
C ALA B 138 7.02 -25.45 -41.37
N ALA B 139 7.52 -24.36 -41.97
CA ALA B 139 8.88 -24.30 -42.48
C ALA B 139 9.92 -24.30 -41.37
N LEU B 140 9.52 -24.27 -40.10
CA LEU B 140 10.43 -24.34 -38.98
C LEU B 140 9.71 -24.77 -37.71
N SER C 3 25.77 9.88 20.01
CA SER C 3 25.96 8.45 19.81
C SER C 3 25.26 7.99 18.52
N ARG C 4 25.85 7.02 17.84
CA ARG C 4 25.26 6.54 16.59
C ARG C 4 23.97 5.78 16.84
N ILE C 5 23.82 5.19 18.02
CA ILE C 5 22.63 4.40 18.32
C ILE C 5 21.44 5.32 18.59
N SER C 6 21.63 6.37 19.38
CA SER C 6 20.54 7.28 19.71
C SER C 6 20.04 8.00 18.46
N SER C 7 20.95 8.36 17.56
CA SER C 7 20.55 8.96 16.29
C SER C 7 19.72 7.99 15.46
N ALA C 8 20.14 6.72 15.41
CA ALA C 8 19.41 5.73 14.64
C ALA C 8 18.01 5.51 15.21
N LEU C 9 17.89 5.55 16.55
CA LEU C 9 16.58 5.45 17.18
C LEU C 9 15.73 6.66 16.85
N GLN C 10 16.34 7.84 16.78
CA GLN C 10 15.60 9.04 16.39
C GLN C 10 15.10 8.93 14.95
N ASN C 11 15.94 8.40 14.06
CA ASN C 11 15.49 8.16 12.68
C ASN C 11 14.37 7.14 12.62
N LEU C 12 14.44 6.10 13.44
CA LEU C 12 13.36 5.11 13.50
C LEU C 12 12.05 5.78 13.93
N TRP C 13 12.12 6.63 14.96
CA TRP C 13 10.94 7.32 15.45
C TRP C 13 10.35 8.24 14.37
N THR C 14 11.22 8.98 13.68
CA THR C 14 10.78 9.88 12.62
C THR C 14 10.13 9.12 11.47
N ALA C 15 10.76 8.03 11.02
CA ALA C 15 10.24 7.28 9.89
C ALA C 15 8.95 6.56 10.23
N ALA C 16 8.82 6.06 11.47
CA ALA C 16 7.58 5.40 11.86
C ALA C 16 6.44 6.40 11.91
N GLN C 17 6.67 7.58 12.49
CA GLN C 17 5.62 8.60 12.48
C GLN C 17 5.30 9.08 11.07
N ALA C 18 6.30 9.13 10.19
CA ALA C 18 6.02 9.51 8.80
C ALA C 18 5.16 8.46 8.10
N ALA C 19 5.42 7.17 8.34
CA ALA C 19 4.58 6.13 7.76
C ALA C 19 3.15 6.19 8.29
N MET C 20 3.00 6.45 9.60
CA MET C 20 1.65 6.59 10.17
C MET C 20 0.90 7.75 9.52
N ALA C 21 1.56 8.92 9.44
CA ALA C 21 0.93 10.08 8.83
C ALA C 21 0.62 9.84 7.36
N ALA C 22 1.48 9.09 6.66
CA ALA C 22 1.25 8.80 5.25
C ALA C 22 0.04 7.89 5.07
N ALA C 23 -0.15 6.93 5.99
CA ALA C 23 -1.36 6.10 5.92
C ALA C 23 -2.60 6.96 6.11
N VAL C 24 -2.55 7.87 7.09
CA VAL C 24 -3.70 8.74 7.33
C VAL C 24 -3.98 9.61 6.09
N LYS C 25 -2.92 10.11 5.45
CA LYS C 25 -3.10 10.97 4.29
C LYS C 25 -3.59 10.20 3.08
N ALA C 26 -3.22 8.92 2.95
CA ALA C 26 -3.78 8.10 1.88
C ALA C 26 -5.28 7.89 2.08
N LYS C 27 -5.69 7.61 3.32
CA LYS C 27 -7.12 7.51 3.61
C LYS C 27 -7.82 8.84 3.33
N ALA C 28 -7.18 9.95 3.68
CA ALA C 28 -7.77 11.27 3.43
C ALA C 28 -7.92 11.54 1.95
N ALA C 29 -6.96 11.10 1.13
CA ALA C 29 -7.08 11.28 -0.31
C ALA C 29 -8.21 10.44 -0.87
N GLU C 30 -8.33 9.19 -0.42
CA GLU C 30 -9.46 8.36 -0.82
C GLU C 30 -10.79 9.01 -0.47
N ILE C 31 -10.88 9.63 0.71
CA ILE C 31 -12.13 10.28 1.11
C ILE C 31 -12.37 11.54 0.29
N ALA C 32 -11.34 12.36 0.11
CA ALA C 32 -11.49 13.65 -0.57
C ALA C 32 -11.79 13.49 -2.04
N ALA C 33 -11.38 12.37 -2.65
CA ALA C 33 -11.68 12.16 -4.06
C ALA C 33 -13.18 12.09 -4.33
N THR C 34 -13.99 11.82 -3.31
CA THR C 34 -15.44 11.74 -3.46
C THR C 34 -16.13 12.98 -2.92
N LYS C 35 -15.42 14.10 -2.87
CA LYS C 35 -15.97 15.35 -2.37
C LYS C 35 -15.42 16.48 -3.22
N THR C 36 -16.02 17.65 -3.06
CA THR C 36 -15.56 18.82 -3.76
C THR C 36 -14.29 19.33 -3.08
N PRO C 37 -13.44 20.05 -3.80
CA PRO C 37 -12.21 20.58 -3.16
C PRO C 37 -12.53 21.46 -1.97
N GLU C 38 -13.78 21.88 -1.82
CA GLU C 38 -14.14 22.87 -0.83
C GLU C 38 -14.05 22.24 0.55
N GLU C 39 -14.61 21.03 0.69
CA GLU C 39 -14.42 20.24 1.91
C GLU C 39 -13.50 19.06 1.75
N ALA C 40 -12.74 19.04 0.67
CA ALA C 40 -11.74 18.01 0.54
C ALA C 40 -10.64 18.54 1.43
N LYS C 41 -10.81 19.77 1.90
CA LYS C 41 -9.82 20.39 2.78
C LYS C 41 -10.18 20.11 4.22
N LYS C 42 -11.47 20.04 4.53
CA LYS C 42 -11.85 19.68 5.88
C LYS C 42 -11.24 18.32 6.09
N VAL C 43 -11.43 17.43 5.13
CA VAL C 43 -10.78 16.11 5.22
C VAL C 43 -9.32 16.28 5.59
N ALA C 44 -8.64 17.28 5.02
CA ALA C 44 -7.22 17.47 5.32
C ALA C 44 -7.00 17.88 6.78
N GLU C 45 -7.84 18.77 7.30
CA GLU C 45 -7.65 19.21 8.70
C GLU C 45 -7.99 18.10 9.67
N ILE C 46 -9.08 17.36 9.37
CA ILE C 46 -9.42 16.22 10.20
C ILE C 46 -8.31 15.16 10.16
N ALA C 47 -7.67 15.00 9.00
CA ALA C 47 -6.61 14.02 8.86
C ALA C 47 -5.38 14.41 9.67
N GLU C 48 -5.02 15.69 9.66
CA GLU C 48 -3.90 16.15 10.48
C GLU C 48 -4.18 15.92 11.96
N LYS C 49 -5.41 16.25 12.39
CA LYS C 49 -5.78 16.04 13.80
C LYS C 49 -5.74 14.55 14.15
N ALA C 50 -6.11 13.70 13.19
CA ALA C 50 -6.08 12.26 13.39
C ALA C 50 -4.65 11.72 13.47
N ILE C 51 -3.75 12.27 12.66
CA ILE C 51 -2.32 11.96 12.79
C ILE C 51 -1.85 12.28 14.21
N GLU C 52 -2.30 13.42 14.73
CA GLU C 52 -1.95 13.78 16.10
C GLU C 52 -2.46 12.74 17.10
N ILE C 53 -3.72 12.30 16.93
CA ILE C 53 -4.26 11.25 17.78
C ILE C 53 -3.38 10.00 17.72
N GLY C 54 -2.96 9.63 16.51
CA GLY C 54 -2.12 8.45 16.36
C GLY C 54 -0.80 8.59 17.10
N LYS C 55 -0.15 9.74 16.96
CA LYS C 55 1.09 9.99 17.72
C LYS C 55 0.86 9.87 19.22
N LEU C 56 -0.20 10.52 19.72
CA LEU C 56 -0.46 10.50 21.15
C LEU C 56 -0.69 9.09 21.65
N ALA C 57 -1.48 8.30 20.93
CA ALA C 57 -1.75 6.93 21.38
C ALA C 57 -0.49 6.09 21.34
N ALA C 58 0.34 6.26 20.31
CA ALA C 58 1.59 5.51 20.21
C ALA C 58 2.51 5.85 21.38
N ASP C 59 2.73 7.15 21.61
CA ASP C 59 3.59 7.57 22.70
C ASP C 59 3.06 7.09 24.04
N ALA C 60 1.73 7.11 24.23
CA ALA C 60 1.16 6.67 25.49
C ALA C 60 1.37 5.18 25.71
N ALA C 61 1.16 4.37 24.68
CA ALA C 61 1.39 2.93 24.82
C ALA C 61 2.85 2.65 25.14
N LEU C 62 3.77 3.35 24.45
CA LEU C 62 5.19 3.16 24.73
C LEU C 62 5.55 3.58 26.15
N GLY C 63 4.98 4.69 26.61
CA GLY C 63 5.28 5.16 27.95
C GLY C 63 4.75 4.22 29.02
N ILE C 64 3.54 3.70 28.84
CA ILE C 64 2.98 2.75 29.80
C ILE C 64 3.83 1.48 29.85
N ALA C 65 4.25 0.98 28.69
CA ALA C 65 5.07 -0.22 28.68
C ALA C 65 6.43 0.02 29.31
N ALA C 66 7.04 1.17 29.00
CA ALA C 66 8.34 1.51 29.58
C ALA C 66 8.25 1.66 31.09
N ALA C 67 7.19 2.30 31.59
CA ALA C 67 7.04 2.48 33.03
C ALA C 67 6.85 1.13 33.72
N ALA C 68 6.00 0.26 33.15
CA ALA C 68 5.82 -1.06 33.74
C ALA C 68 7.12 -1.86 33.74
N GLY C 69 7.87 -1.79 32.65
CA GLY C 69 9.14 -2.50 32.60
C GLY C 69 10.15 -1.97 33.61
N GLY C 70 10.24 -0.64 33.72
CA GLY C 70 11.12 -0.06 34.73
C GLY C 70 10.74 -0.47 36.15
N LYS C 71 9.44 -0.48 36.45
CA LYS C 71 9.01 -0.89 37.78
C LYS C 71 9.34 -2.35 38.04
N ALA C 72 9.21 -3.20 37.01
CA ALA C 72 9.58 -4.60 37.16
C ALA C 72 11.08 -4.77 37.38
N VAL C 73 11.89 -4.03 36.62
CA VAL C 73 13.34 -4.11 36.79
C VAL C 73 13.75 -3.65 38.19
N ILE C 74 13.10 -2.59 38.68
CA ILE C 74 13.43 -2.12 40.03
C ILE C 74 12.99 -3.13 41.07
N ALA C 75 11.84 -3.78 40.85
CA ALA C 75 11.39 -4.79 41.80
C ALA C 75 12.17 -6.10 41.71
N LYS C 76 13.00 -6.28 40.68
CA LYS C 76 13.83 -7.47 40.64
C LYS C 76 15.27 -7.19 41.06
N MET C 77 15.75 -5.95 40.93
CA MET C 77 17.05 -5.63 41.49
C MET C 77 17.02 -5.73 43.02
N ALA C 78 15.98 -5.19 43.64
CA ALA C 78 15.70 -5.35 45.07
C ALA C 78 16.88 -4.78 45.86
N ASP C 79 17.58 -5.58 46.67
CA ASP C 79 18.70 -5.15 47.50
C ASP C 79 19.94 -4.76 46.68
N GLY C 80 19.83 -4.58 45.36
CA GLY C 80 20.95 -4.13 44.58
C GLY C 80 21.13 -2.62 44.53
N ILE C 81 20.05 -1.87 44.75
CA ILE C 81 20.10 -0.41 44.76
C ILE C 81 19.50 0.09 46.06
N SER C 82 19.84 1.33 46.41
CA SER C 82 19.45 1.86 47.70
C SER C 82 17.93 2.17 47.70
N PRO C 83 17.28 2.03 48.86
CA PRO C 83 15.83 2.30 48.93
C PRO C 83 15.44 3.69 48.41
N GLU C 84 16.24 4.70 48.73
CA GLU C 84 16.00 6.04 48.22
C GLU C 84 16.00 6.08 46.70
N LYS C 85 16.94 5.38 46.07
CA LYS C 85 16.98 5.36 44.60
C LYS C 85 15.80 4.59 44.03
N GLN C 86 15.40 3.51 44.70
CA GLN C 86 14.15 2.83 44.36
C GLN C 86 12.99 3.81 44.34
N ALA C 87 12.84 4.62 45.39
CA ALA C 87 11.72 5.56 45.46
C ALA C 87 11.81 6.58 44.33
N LYS C 88 12.99 7.17 44.14
CA LYS C 88 13.19 8.18 43.10
C LYS C 88 12.79 7.65 41.72
N TYR C 89 13.21 6.42 41.40
CA TYR C 89 13.00 5.91 40.06
C TYR C 89 11.59 5.35 39.87
N LEU C 90 11.00 4.78 40.93
CA LEU C 90 9.59 4.41 40.87
C LEU C 90 8.70 5.62 40.69
N ALA C 91 9.12 6.77 41.24
CA ALA C 91 8.36 7.99 41.04
C ALA C 91 8.51 8.47 39.60
N LYS C 92 9.75 8.65 39.14
CA LYS C 92 9.98 8.97 37.73
C LYS C 92 9.13 8.10 36.79
N PHE C 93 9.05 6.80 37.07
CA PHE C 93 8.28 5.91 36.18
C PHE C 93 6.78 6.10 36.32
N ASP C 94 6.29 6.38 37.54
CA ASP C 94 4.88 6.72 37.68
C ASP C 94 4.54 8.01 36.94
N ALA C 95 5.48 8.95 36.93
CA ALA C 95 5.29 10.20 36.18
C ALA C 95 5.27 9.93 34.68
N GLU C 96 6.12 9.03 34.21
CA GLU C 96 6.08 8.63 32.80
C GLU C 96 4.72 8.03 32.43
N ALA C 97 4.22 7.12 33.26
CA ALA C 97 2.90 6.53 33.01
C ALA C 97 1.80 7.59 33.06
N ALA C 98 1.90 8.53 34.00
CA ALA C 98 0.91 9.60 34.10
C ALA C 98 0.92 10.47 32.86
N ALA C 99 2.11 10.79 32.34
CA ALA C 99 2.20 11.56 31.10
C ALA C 99 1.58 10.79 29.94
N ALA C 100 1.75 9.46 29.93
CA ALA C 100 1.11 8.66 28.89
C ALA C 100 -0.42 8.72 28.96
N LYS C 101 -0.96 8.60 30.17
CA LYS C 101 -2.41 8.69 30.32
C LYS C 101 -2.92 10.09 30.01
N GLU C 102 -2.09 11.11 30.30
CA GLU C 102 -2.39 12.49 29.94
C GLU C 102 -2.48 12.65 28.42
N GLY C 103 -1.54 12.05 27.70
CA GLY C 103 -1.60 12.08 26.24
C GLY C 103 -2.81 11.36 25.70
N LEU C 104 -3.19 10.23 26.31
CA LEU C 104 -4.40 9.55 25.87
C LEU C 104 -5.63 10.41 26.10
N ALA C 105 -5.70 11.10 27.23
CA ALA C 105 -6.86 11.95 27.51
C ALA C 105 -6.97 13.09 26.50
N GLU C 106 -5.86 13.77 26.21
CA GLU C 106 -5.92 14.85 25.23
C GLU C 106 -6.21 14.34 23.82
N ALA C 107 -5.68 13.16 23.45
CA ALA C 107 -6.06 12.56 22.17
C ALA C 107 -7.55 12.27 22.11
N GLU C 108 -8.12 11.77 23.22
CA GLU C 108 -9.55 11.50 23.28
C GLU C 108 -10.36 12.78 23.13
N LYS C 109 -9.87 13.88 23.71
CA LYS C 109 -10.53 15.17 23.54
C LYS C 109 -10.51 15.59 22.08
N ILE C 110 -9.37 15.39 21.40
CA ILE C 110 -9.28 15.69 19.98
C ILE C 110 -10.31 14.86 19.21
N LEU C 111 -10.45 13.58 19.58
CA LEU C 111 -11.40 12.73 18.86
C LEU C 111 -12.83 13.20 19.07
N LYS C 112 -13.16 13.67 20.28
CA LYS C 112 -14.52 14.14 20.50
C LYS C 112 -14.82 15.41 19.69
N GLU C 113 -13.87 16.33 19.63
CA GLU C 113 -14.08 17.51 18.78
C GLU C 113 -14.16 17.12 17.31
N LEU C 114 -13.43 16.07 16.90
CA LEU C 114 -13.54 15.61 15.51
C LEU C 114 -14.88 14.95 15.24
N LEU C 115 -15.43 14.24 16.22
CA LEU C 115 -16.74 13.62 16.03
C LEU C 115 -17.84 14.68 15.98
N LYS C 116 -17.62 15.82 16.63
CA LYS C 116 -18.57 16.93 16.55
C LYS C 116 -18.30 17.78 15.30
N GLU C 117 -18.32 17.11 14.14
CA GLU C 117 -18.07 17.75 12.85
C GLU C 117 -18.47 16.79 11.73
N ASP C 118 -17.48 16.14 11.12
CA ASP C 118 -17.72 15.12 10.10
C ASP C 118 -17.44 13.78 10.75
N PRO C 119 -18.45 13.11 11.31
CA PRO C 119 -18.17 11.90 12.10
C PRO C 119 -17.59 10.79 11.27
N GLU C 120 -17.98 10.68 10.01
CA GLU C 120 -17.56 9.56 9.19
C GLU C 120 -16.08 9.67 8.84
N ALA C 121 -15.66 10.88 8.45
CA ALA C 121 -14.26 11.11 8.12
C ALA C 121 -13.39 11.05 9.36
N ALA C 122 -13.89 11.59 10.48
CA ALA C 122 -13.14 11.52 11.73
C ALA C 122 -12.90 10.07 12.14
N LYS C 123 -13.95 9.25 12.09
CA LYS C 123 -13.80 7.86 12.49
C LYS C 123 -12.90 7.08 11.54
N ALA C 124 -13.06 7.27 10.23
CA ALA C 124 -12.24 6.52 9.29
C ALA C 124 -10.77 6.91 9.41
N LEU C 125 -10.48 8.21 9.47
CA LEU C 125 -9.10 8.67 9.56
C LEU C 125 -8.48 8.29 10.89
N THR C 126 -9.26 8.35 11.98
CA THR C 126 -8.74 7.96 13.29
C THR C 126 -8.50 6.46 13.36
N ALA C 127 -9.34 5.66 12.71
CA ALA C 127 -9.09 4.22 12.66
C ALA C 127 -7.82 3.92 11.88
N THR C 128 -7.61 4.59 10.75
CA THR C 128 -6.36 4.40 10.01
C THR C 128 -5.16 4.80 10.85
N ALA C 129 -5.26 5.93 11.55
CA ALA C 129 -4.15 6.39 12.40
C ALA C 129 -3.85 5.40 13.51
N LEU C 130 -4.90 4.88 14.17
CA LEU C 130 -4.71 3.94 15.26
C LEU C 130 -4.18 2.61 14.76
N ALA C 131 -4.57 2.17 13.57
CA ALA C 131 -4.02 0.93 13.03
C ALA C 131 -2.53 1.08 12.71
N ALA C 132 -2.14 2.18 12.07
CA ALA C 132 -0.71 2.41 11.82
C ALA C 132 0.07 2.52 13.12
N ALA C 133 -0.52 3.18 14.12
CA ALA C 133 0.13 3.31 15.41
C ALA C 133 0.27 1.95 16.10
N ALA C 134 -0.77 1.12 16.05
CA ALA C 134 -0.71 -0.20 16.65
C ALA C 134 0.38 -1.05 15.99
N ALA C 135 0.48 -0.99 14.66
CA ALA C 135 1.52 -1.78 14.00
C ALA C 135 2.92 -1.32 14.39
N ALA C 136 3.12 0.01 14.43
CA ALA C 136 4.44 0.51 14.79
C ALA C 136 4.78 0.20 16.25
N ILE C 137 3.79 0.31 17.14
CA ILE C 137 4.04 0.08 18.56
C ILE C 137 4.30 -1.39 18.82
N ALA C 138 3.56 -2.28 18.15
CA ALA C 138 3.83 -3.71 18.28
C ALA C 138 5.23 -4.05 17.79
N ALA C 139 5.66 -3.42 16.68
CA ALA C 139 7.02 -3.65 16.22
C ALA C 139 8.05 -3.14 17.22
N LEU C 140 7.78 -1.99 17.85
CA LEU C 140 8.75 -1.41 18.77
C LEU C 140 8.76 -2.07 20.14
N LEU C 141 7.64 -2.62 20.58
CA LEU C 141 7.59 -3.26 21.90
C LEU C 141 8.14 -4.69 21.85
N ALA C 142 7.96 -5.39 20.74
CA ALA C 142 8.51 -6.73 20.60
C ALA C 142 10.03 -6.73 20.44
N ALA C 143 10.65 -5.56 20.30
CA ALA C 143 12.09 -5.44 20.23
C ALA C 143 12.71 -4.86 21.49
N GLY C 144 11.89 -4.45 22.47
CA GLY C 144 12.41 -3.87 23.69
C GLY C 144 12.88 -2.44 23.54
N LEU C 145 12.16 -1.62 22.78
CA LEU C 145 12.57 -0.26 22.49
C LEU C 145 11.66 0.78 23.14
N GLU C 146 10.77 0.36 24.04
CA GLU C 146 9.98 1.34 24.80
C GLU C 146 10.83 2.17 25.74
N HIS C 147 12.08 1.77 25.97
CA HIS C 147 13.04 2.41 26.87
C HIS C 147 12.70 2.10 28.32
N SER D 3 -53.12 0.15 -1.28
CA SER D 3 -52.84 -0.86 -2.30
C SER D 3 -53.75 -0.67 -3.51
N ARG D 4 -54.82 0.12 -3.33
CA ARG D 4 -55.62 0.52 -4.48
C ARG D 4 -54.81 1.38 -5.45
N ILE D 5 -53.71 1.94 -4.97
CA ILE D 5 -52.81 2.69 -5.84
C ILE D 5 -51.84 1.76 -6.55
N SER D 6 -51.32 0.75 -5.83
CA SER D 6 -50.43 -0.23 -6.46
C SER D 6 -51.14 -0.99 -7.57
N SER D 7 -52.40 -1.37 -7.33
CA SER D 7 -53.23 -1.97 -8.36
C SER D 7 -53.29 -1.10 -9.61
N ALA D 8 -53.68 0.16 -9.45
CA ALA D 8 -53.83 1.06 -10.58
C ALA D 8 -52.50 1.28 -11.30
N LEU D 9 -51.39 1.33 -10.56
CA LEU D 9 -50.08 1.44 -11.21
C LEU D 9 -49.76 0.17 -11.99
N GLN D 10 -50.16 -0.98 -11.48
CA GLN D 10 -49.97 -2.24 -12.20
C GLN D 10 -50.78 -2.24 -13.50
N ASN D 11 -52.01 -1.73 -13.43
CA ASN D 11 -52.84 -1.59 -14.63
C ASN D 11 -52.23 -0.59 -15.61
N LEU D 12 -51.65 0.51 -15.12
CA LEU D 12 -50.94 1.44 -15.99
C LEU D 12 -49.80 0.73 -16.71
N TRP D 13 -49.03 -0.09 -15.97
CA TRP D 13 -47.99 -0.88 -16.60
C TRP D 13 -48.56 -1.74 -17.72
N THR D 14 -49.59 -2.53 -17.39
CA THR D 14 -50.15 -3.46 -18.35
C THR D 14 -50.69 -2.76 -19.59
N ALA D 15 -51.43 -1.67 -19.41
CA ALA D 15 -52.02 -0.98 -20.54
C ALA D 15 -50.97 -0.28 -21.40
N ALA D 16 -49.94 0.30 -20.79
CA ALA D 16 -48.89 0.92 -21.59
C ALA D 16 -48.15 -0.13 -22.40
N GLN D 17 -47.87 -1.28 -21.78
CA GLN D 17 -47.20 -2.36 -22.48
C GLN D 17 -48.07 -2.93 -23.59
N ALA D 18 -49.37 -3.03 -23.35
CA ALA D 18 -50.29 -3.54 -24.39
C ALA D 18 -50.27 -2.60 -25.59
N ALA D 19 -50.34 -1.29 -25.33
CA ALA D 19 -50.32 -0.29 -26.43
C ALA D 19 -48.98 -0.36 -27.17
N MET D 20 -47.88 -0.52 -26.43
CA MET D 20 -46.55 -0.64 -27.06
C MET D 20 -46.55 -1.84 -28.01
N ALA D 21 -47.02 -2.99 -27.52
CA ALA D 21 -47.06 -4.22 -28.35
C ALA D 21 -48.01 -4.00 -29.53
N ALA D 22 -49.14 -3.35 -29.27
CA ALA D 22 -50.15 -3.11 -30.33
C ALA D 22 -49.50 -2.33 -31.48
N ALA D 23 -48.71 -1.31 -31.15
CA ALA D 23 -48.05 -0.53 -32.20
C ALA D 23 -47.09 -1.42 -33.00
N VAL D 24 -46.32 -2.25 -32.29
CA VAL D 24 -45.39 -3.13 -32.98
C VAL D 24 -46.14 -4.09 -33.90
N LYS D 25 -47.28 -4.60 -33.42
CA LYS D 25 -48.06 -5.57 -34.21
C LYS D 25 -48.76 -4.91 -35.39
N ALA D 26 -49.15 -3.64 -35.25
CA ALA D 26 -49.71 -2.91 -36.39
C ALA D 26 -48.67 -2.76 -37.49
N LYS D 27 -47.45 -2.38 -37.10
CA LYS D 27 -46.37 -2.32 -38.09
C LYS D 27 -46.12 -3.69 -38.69
N ALA D 28 -46.18 -4.74 -37.87
CA ALA D 28 -45.98 -6.10 -38.37
C ALA D 28 -47.04 -6.49 -39.38
N ALA D 29 -48.28 -6.05 -39.17
CA ALA D 29 -49.34 -6.33 -40.13
C ALA D 29 -49.10 -5.59 -41.44
N GLU D 30 -48.71 -4.32 -41.35
CA GLU D 30 -48.37 -3.58 -42.56
C GLU D 30 -47.27 -4.28 -43.36
N ILE D 31 -46.26 -4.82 -42.66
CA ILE D 31 -45.18 -5.52 -43.34
C ILE D 31 -45.65 -6.86 -43.89
N ALA D 32 -46.40 -7.62 -43.10
CA ALA D 32 -46.82 -8.96 -43.50
C ALA D 32 -47.79 -8.92 -44.67
N ALA D 33 -48.51 -7.81 -44.85
CA ALA D 33 -49.38 -7.68 -46.00
C ALA D 33 -48.61 -7.75 -47.30
N THR D 34 -47.29 -7.59 -47.24
CA THR D 34 -46.51 -7.54 -48.50
C THR D 34 -45.75 -8.83 -48.67
N LYS D 35 -46.18 -9.92 -48.02
CA LYS D 35 -45.43 -11.15 -48.05
C LYS D 35 -46.37 -12.36 -48.06
N THR D 36 -45.78 -13.52 -48.33
CA THR D 36 -46.43 -14.81 -48.32
C THR D 36 -46.64 -15.27 -46.88
N PRO D 37 -47.61 -16.16 -46.63
CA PRO D 37 -47.87 -16.59 -45.24
C PRO D 37 -46.66 -17.23 -44.56
N GLU D 38 -45.81 -17.90 -45.34
CA GLU D 38 -44.66 -18.56 -44.73
C GLU D 38 -43.67 -17.51 -44.24
N GLU D 39 -43.59 -16.39 -44.94
CA GLU D 39 -42.80 -15.25 -44.53
C GLU D 39 -43.53 -14.33 -43.55
N ALA D 40 -44.87 -14.36 -43.55
CA ALA D 40 -45.62 -13.58 -42.56
C ALA D 40 -45.44 -14.13 -41.16
N LYS D 41 -45.32 -15.46 -41.02
CA LYS D 41 -45.01 -16.01 -39.69
C LYS D 41 -43.65 -15.55 -39.19
N LYS D 42 -42.66 -15.47 -40.09
CA LYS D 42 -41.35 -14.95 -39.69
C LYS D 42 -41.48 -13.50 -39.25
N VAL D 43 -42.28 -12.72 -39.96
CA VAL D 43 -42.51 -11.33 -39.56
C VAL D 43 -43.15 -11.26 -38.17
N ALA D 44 -44.07 -12.19 -37.88
CA ALA D 44 -44.73 -12.18 -36.57
C ALA D 44 -43.74 -12.47 -35.45
N GLU D 45 -42.83 -13.43 -35.66
CA GLU D 45 -41.87 -13.71 -34.59
C GLU D 45 -40.84 -12.58 -34.44
N ILE D 46 -40.45 -11.96 -35.55
CA ILE D 46 -39.57 -10.79 -35.47
C ILE D 46 -40.27 -9.67 -34.70
N ALA D 47 -41.59 -9.54 -34.88
CA ALA D 47 -42.35 -8.53 -34.16
C ALA D 47 -42.38 -8.84 -32.68
N GLU D 48 -42.50 -10.10 -32.31
CA GLU D 48 -42.46 -10.46 -30.89
C GLU D 48 -41.11 -10.06 -30.27
N LYS D 49 -40.02 -10.36 -30.98
CA LYS D 49 -38.71 -10.01 -30.44
C LYS D 49 -38.52 -8.49 -30.37
N ALA D 50 -39.09 -7.75 -31.33
CA ALA D 50 -39.02 -6.29 -31.27
C ALA D 50 -39.82 -5.73 -30.11
N ILE D 51 -40.98 -6.33 -29.82
CA ILE D 51 -41.73 -5.98 -28.61
C ILE D 51 -40.88 -6.17 -27.37
N GLU D 52 -40.14 -7.29 -27.30
CA GLU D 52 -39.26 -7.51 -26.15
C GLU D 52 -38.19 -6.44 -26.06
N ILE D 53 -37.56 -6.11 -27.19
CA ILE D 53 -36.53 -5.03 -27.18
C ILE D 53 -37.14 -3.78 -26.54
N GLY D 54 -38.34 -3.38 -26.97
CA GLY D 54 -38.98 -2.16 -26.46
C GLY D 54 -39.24 -2.23 -24.97
N LYS D 55 -39.77 -3.36 -24.48
CA LYS D 55 -40.10 -3.48 -23.03
C LYS D 55 -38.81 -3.37 -22.22
N LEU D 56 -37.77 -4.09 -22.63
CA LEU D 56 -36.48 -4.06 -21.89
C LEU D 56 -35.96 -2.62 -21.86
N ALA D 57 -36.01 -1.93 -23.00
CA ALA D 57 -35.52 -0.53 -23.07
C ALA D 57 -36.35 0.36 -22.14
N ALA D 58 -37.68 0.22 -22.19
CA ALA D 58 -38.54 1.04 -21.33
C ALA D 58 -38.23 0.83 -19.85
N ASP D 59 -38.18 -0.44 -19.43
CA ASP D 59 -37.87 -0.78 -18.05
C ASP D 59 -36.50 -0.25 -17.66
N ALA D 60 -35.54 -0.35 -18.57
CA ALA D 60 -34.18 0.11 -18.30
C ALA D 60 -34.11 1.62 -18.14
N ALA D 61 -34.80 2.37 -19.00
CA ALA D 61 -34.80 3.83 -18.86
C ALA D 61 -35.45 4.23 -17.54
N LEU D 62 -36.56 3.57 -17.19
CA LEU D 62 -37.22 3.89 -15.93
C LEU D 62 -36.31 3.55 -14.74
N GLY D 63 -35.60 2.42 -14.81
CA GLY D 63 -34.71 2.05 -13.73
C GLY D 63 -33.55 3.01 -13.56
N ILE D 64 -32.94 3.44 -14.67
CA ILE D 64 -31.84 4.40 -14.59
C ILE D 64 -32.32 5.72 -14.01
N ALA D 65 -33.49 6.19 -14.45
CA ALA D 65 -34.01 7.46 -13.94
C ALA D 65 -34.35 7.35 -12.46
N ALA D 66 -34.97 6.23 -12.06
CA ALA D 66 -35.30 6.02 -10.65
C ALA D 66 -34.05 5.95 -9.79
N ALA D 67 -33.00 5.29 -10.27
CA ALA D 67 -31.76 5.21 -9.50
C ALA D 67 -31.12 6.58 -9.34
N ALA D 68 -31.09 7.36 -10.42
CA ALA D 68 -30.52 8.71 -10.31
C ALA D 68 -31.33 9.57 -9.34
N GLY D 69 -32.66 9.48 -9.41
CA GLY D 69 -33.50 10.23 -8.49
C GLY D 69 -33.31 9.80 -7.05
N GLY D 70 -33.24 8.49 -6.80
CA GLY D 70 -32.98 8.01 -5.45
C GLY D 70 -31.64 8.49 -4.92
N LYS D 71 -30.60 8.49 -5.77
CA LYS D 71 -29.31 8.98 -5.32
C LYS D 71 -29.36 10.47 -4.99
N ALA D 72 -30.11 11.25 -5.79
CA ALA D 72 -30.25 12.67 -5.48
C ALA D 72 -30.99 12.88 -4.16
N VAL D 73 -32.08 12.14 -3.95
CA VAL D 73 -32.82 12.24 -2.69
C VAL D 73 -31.92 11.89 -1.52
N ILE D 74 -31.06 10.86 -1.68
CA ILE D 74 -30.15 10.50 -0.61
C ILE D 74 -29.14 11.62 -0.38
N ALA D 75 -28.71 12.30 -1.45
CA ALA D 75 -27.78 13.41 -1.29
C ALA D 75 -28.45 14.67 -0.77
N LYS D 76 -29.77 14.66 -0.61
CA LYS D 76 -30.45 15.82 -0.02
C LYS D 76 -30.57 15.66 1.49
N MET D 77 -31.01 14.49 1.93
CA MET D 77 -31.12 14.22 3.36
C MET D 77 -29.78 14.36 4.08
N ALA D 78 -28.75 13.68 3.59
CA ALA D 78 -27.41 13.75 4.18
C ALA D 78 -27.43 13.41 5.67
N ASP D 79 -27.40 14.44 6.53
CA ASP D 79 -27.35 14.21 7.97
C ASP D 79 -28.54 13.40 8.47
N GLY D 80 -29.71 13.57 7.85
CA GLY D 80 -30.92 12.94 8.35
C GLY D 80 -30.90 11.43 8.28
N ILE D 81 -29.98 10.84 7.52
CA ILE D 81 -29.86 9.40 7.40
C ILE D 81 -28.49 8.98 7.89
N SER D 82 -28.45 7.89 8.66
CA SER D 82 -27.19 7.39 9.17
C SER D 82 -26.30 6.94 7.99
N PRO D 83 -25.00 7.17 8.07
CA PRO D 83 -24.12 6.90 6.90
C PRO D 83 -24.20 5.48 6.40
N GLU D 84 -24.31 4.52 7.32
CA GLU D 84 -24.52 3.12 6.95
C GLU D 84 -25.73 2.95 6.04
N LYS D 85 -26.86 3.56 6.40
CA LYS D 85 -28.07 3.41 5.59
C LYS D 85 -27.95 4.18 4.28
N GLN D 86 -27.25 5.32 4.29
CA GLN D 86 -26.93 6.01 3.06
C GLN D 86 -26.21 5.09 2.09
N ALA D 87 -25.18 4.40 2.58
CA ALA D 87 -24.43 3.47 1.73
C ALA D 87 -25.31 2.31 1.28
N LYS D 88 -26.11 1.76 2.20
CA LYS D 88 -26.99 0.65 1.84
C LYS D 88 -27.89 1.01 0.67
N TYR D 89 -28.50 2.20 0.72
CA TYR D 89 -29.47 2.54 -0.32
C TYR D 89 -28.78 3.07 -1.59
N LEU D 90 -27.62 3.71 -1.47
CA LEU D 90 -26.86 4.04 -2.66
C LEU D 90 -26.41 2.79 -3.41
N ALA D 91 -26.14 1.71 -2.68
CA ALA D 91 -25.78 0.46 -3.33
C ALA D 91 -27.01 -0.17 -3.96
N LYS D 92 -28.06 -0.37 -3.17
CA LYS D 92 -29.36 -0.81 -3.68
C LYS D 92 -29.74 -0.08 -4.99
N PHE D 93 -29.51 1.23 -5.05
CA PHE D 93 -29.82 2.00 -6.26
C PHE D 93 -28.83 1.71 -7.38
N ASP D 94 -27.56 1.51 -7.05
CA ASP D 94 -26.59 1.11 -8.08
C ASP D 94 -26.95 -0.24 -8.66
N ALA D 95 -27.49 -1.14 -7.83
CA ALA D 95 -27.95 -2.43 -8.31
C ALA D 95 -29.14 -2.29 -9.24
N GLU D 96 -30.06 -1.36 -8.92
CA GLU D 96 -31.15 -1.08 -9.83
C GLU D 96 -30.63 -0.61 -11.19
N ALA D 97 -29.66 0.31 -11.17
CA ALA D 97 -29.06 0.80 -12.42
C ALA D 97 -28.37 -0.33 -13.18
N ALA D 98 -27.68 -1.23 -12.46
CA ALA D 98 -27.02 -2.34 -13.11
C ALA D 98 -28.01 -3.27 -13.78
N ALA D 99 -29.14 -3.54 -13.12
CA ALA D 99 -30.18 -4.37 -13.73
C ALA D 99 -30.75 -3.68 -14.97
N ALA D 100 -30.86 -2.35 -14.94
CA ALA D 100 -31.34 -1.63 -16.12
C ALA D 100 -30.37 -1.75 -17.29
N LYS D 101 -29.07 -1.56 -17.03
CA LYS D 101 -28.10 -1.76 -18.10
C LYS D 101 -28.08 -3.21 -18.56
N GLU D 102 -28.37 -4.15 -17.66
CA GLU D 102 -28.48 -5.57 -17.98
C GLU D 102 -29.58 -5.81 -19.01
N GLY D 103 -30.73 -5.15 -18.78
CA GLY D 103 -31.83 -5.25 -19.72
C GLY D 103 -31.51 -4.61 -21.07
N LEU D 104 -30.82 -3.46 -21.07
CA LEU D 104 -30.43 -2.89 -22.35
C LEU D 104 -29.47 -3.81 -23.09
N ALA D 105 -28.57 -4.46 -22.35
CA ALA D 105 -27.61 -5.34 -23.00
C ALA D 105 -28.30 -6.53 -23.68
N GLU D 106 -29.22 -7.22 -22.99
CA GLU D 106 -29.87 -8.34 -23.67
C GLU D 106 -30.77 -7.83 -24.80
N ALA D 107 -31.36 -6.63 -24.64
CA ALA D 107 -32.13 -6.03 -25.73
C ALA D 107 -31.25 -5.83 -26.96
N GLU D 108 -30.01 -5.35 -26.75
CA GLU D 108 -29.06 -5.18 -27.85
C GLU D 108 -28.73 -6.52 -28.49
N LYS D 109 -28.57 -7.55 -27.67
CA LYS D 109 -28.32 -8.90 -28.19
C LYS D 109 -29.48 -9.39 -29.04
N ILE D 110 -30.71 -9.19 -28.56
CA ILE D 110 -31.89 -9.58 -29.33
C ILE D 110 -31.91 -8.84 -30.66
N LEU D 111 -31.58 -7.54 -30.64
CA LEU D 111 -31.66 -6.76 -31.88
C LEU D 111 -30.60 -7.20 -32.89
N LYS D 112 -29.38 -7.48 -32.44
CA LYS D 112 -28.32 -7.90 -33.36
C LYS D 112 -28.61 -9.27 -33.95
N GLU D 113 -29.11 -10.21 -33.14
CA GLU D 113 -29.55 -11.48 -33.72
C GLU D 113 -30.73 -11.30 -34.67
N LEU D 114 -31.58 -10.31 -34.44
CA LEU D 114 -32.65 -10.04 -35.39
C LEU D 114 -32.11 -9.43 -36.70
N LEU D 115 -31.04 -8.64 -36.61
CA LEU D 115 -30.47 -8.01 -37.80
C LEU D 115 -29.80 -9.00 -38.75
N LYS D 116 -29.39 -10.16 -38.26
CA LYS D 116 -28.79 -11.18 -39.12
C LYS D 116 -29.82 -11.99 -39.90
N GLU D 117 -31.10 -11.73 -39.67
CA GLU D 117 -32.20 -12.53 -40.22
C GLU D 117 -32.96 -11.84 -41.35
N ASP D 118 -33.35 -10.59 -41.15
CA ASP D 118 -34.14 -9.79 -42.07
C ASP D 118 -34.03 -8.36 -41.59
N PRO D 119 -33.09 -7.59 -42.16
CA PRO D 119 -32.78 -6.28 -41.59
C PRO D 119 -33.94 -5.32 -41.64
N GLU D 120 -34.78 -5.42 -42.67
CA GLU D 120 -35.83 -4.42 -42.83
C GLU D 120 -36.92 -4.61 -41.77
N ALA D 121 -37.32 -5.87 -41.50
CA ALA D 121 -38.34 -6.11 -40.48
C ALA D 121 -37.80 -5.81 -39.09
N ALA D 122 -36.56 -6.21 -38.81
CA ALA D 122 -35.97 -5.91 -37.51
C ALA D 122 -35.91 -4.41 -37.27
N LYS D 123 -35.44 -3.66 -38.26
CA LYS D 123 -35.29 -2.21 -38.08
C LYS D 123 -36.64 -1.53 -37.93
N ALA D 124 -37.61 -1.88 -38.79
CA ALA D 124 -38.90 -1.21 -38.73
C ALA D 124 -39.65 -1.53 -37.44
N LEU D 125 -39.69 -2.82 -37.07
CA LEU D 125 -40.41 -3.21 -35.87
C LEU D 125 -39.73 -2.70 -34.62
N THR D 126 -38.38 -2.69 -34.60
CA THR D 126 -37.68 -2.18 -33.43
C THR D 126 -37.81 -0.67 -33.32
N ALA D 127 -37.85 0.04 -34.46
CA ALA D 127 -38.08 1.48 -34.41
C ALA D 127 -39.47 1.80 -33.88
N THR D 128 -40.48 1.06 -34.34
CA THR D 128 -41.83 1.24 -33.80
C THR D 128 -41.86 0.95 -32.29
N ALA D 129 -41.20 -0.13 -31.87
CA ALA D 129 -41.18 -0.48 -30.45
C ALA D 129 -40.50 0.61 -29.63
N LEU D 130 -39.37 1.12 -30.11
CA LEU D 130 -38.63 2.14 -29.37
C LEU D 130 -39.38 3.46 -29.36
N ALA D 131 -40.10 3.80 -30.44
CA ALA D 131 -40.89 5.03 -30.42
C ALA D 131 -42.03 4.94 -29.42
N ALA D 132 -42.75 3.82 -29.40
CA ALA D 132 -43.79 3.64 -28.40
C ALA D 132 -43.20 3.64 -26.99
N ALA D 133 -42.02 3.05 -26.84
CA ALA D 133 -41.34 3.03 -25.54
C ALA D 133 -40.96 4.43 -25.11
N ALA D 134 -40.44 5.23 -26.03
CA ALA D 134 -40.09 6.60 -25.70
C ALA D 134 -41.30 7.40 -25.26
N ALA D 135 -42.44 7.22 -25.96
CA ALA D 135 -43.64 7.97 -25.60
C ALA D 135 -44.12 7.61 -24.20
N ALA D 136 -44.17 6.32 -23.89
CA ALA D 136 -44.66 5.94 -22.56
C ALA D 136 -43.67 6.29 -21.46
N ILE D 137 -42.37 6.12 -21.69
CA ILE D 137 -41.42 6.45 -20.63
C ILE D 137 -41.37 7.95 -20.41
N ALA D 138 -41.57 8.75 -21.47
CA ALA D 138 -41.66 10.19 -21.29
C ALA D 138 -42.89 10.56 -20.48
N ALA D 139 -44.03 9.94 -20.79
CA ALA D 139 -45.25 10.22 -20.03
C ALA D 139 -45.08 9.83 -18.56
N LEU D 140 -44.42 8.70 -18.30
CA LEU D 140 -44.26 8.20 -16.94
C LEU D 140 -43.20 8.96 -16.15
N LEU D 141 -42.20 9.51 -16.82
CA LEU D 141 -41.20 10.33 -16.14
C LEU D 141 -41.72 11.74 -15.87
N ALA D 142 -42.52 12.28 -16.79
CA ALA D 142 -43.11 13.60 -16.57
C ALA D 142 -44.00 13.63 -15.33
N ALA D 143 -44.48 12.47 -14.88
CA ALA D 143 -45.24 12.36 -13.65
C ALA D 143 -44.42 11.78 -12.50
N GLY D 144 -43.18 11.38 -12.75
CA GLY D 144 -42.34 10.84 -11.70
C GLY D 144 -42.75 9.47 -11.21
N LEU D 145 -43.28 8.63 -12.10
CA LEU D 145 -43.74 7.30 -11.74
C LEU D 145 -42.68 6.23 -11.91
N GLU D 146 -41.41 6.62 -12.10
CA GLU D 146 -40.33 5.66 -12.18
C GLU D 146 -40.01 5.02 -10.83
N HIS D 147 -40.68 5.44 -9.77
CA HIS D 147 -40.47 4.97 -8.39
C HIS D 147 -39.19 5.56 -7.82
N SER E 7 -13.57 -26.25 7.00
CA SER E 7 -12.24 -26.04 6.45
C SER E 7 -11.29 -25.45 7.50
N ALA E 8 -10.00 -25.47 7.17
CA ALA E 8 -8.96 -24.99 8.09
C ALA E 8 -9.08 -23.49 8.38
N LEU E 9 -9.52 -22.70 7.40
CA LEU E 9 -9.66 -21.27 7.61
C LEU E 9 -10.66 -20.95 8.71
N GLN E 10 -11.74 -21.72 8.81
CA GLN E 10 -12.71 -21.48 9.87
C GLN E 10 -12.11 -21.76 11.25
N ASN E 11 -11.33 -22.84 11.37
CA ASN E 11 -10.65 -23.12 12.63
C ASN E 11 -9.64 -22.03 12.98
N LEU E 12 -8.91 -21.54 11.98
CA LEU E 12 -8.01 -20.41 12.18
C LEU E 12 -8.79 -19.22 12.73
N TRP E 13 -9.95 -18.98 12.14
CA TRP E 13 -10.79 -17.86 12.52
C TRP E 13 -11.26 -17.99 13.95
N THR E 14 -11.70 -19.20 14.33
CA THR E 14 -12.16 -19.48 15.70
C THR E 14 -11.03 -19.27 16.72
N ALA E 15 -9.84 -19.77 16.40
CA ALA E 15 -8.72 -19.61 17.33
C ALA E 15 -8.30 -18.14 17.46
N ALA E 16 -8.41 -17.37 16.38
CA ALA E 16 -8.10 -15.95 16.48
C ALA E 16 -9.11 -15.21 17.36
N GLN E 17 -10.40 -15.53 17.20
CA GLN E 17 -11.39 -14.88 18.07
C GLN E 17 -11.17 -15.28 19.52
N ALA E 18 -10.75 -16.53 19.75
CA ALA E 18 -10.47 -16.98 21.11
C ALA E 18 -9.28 -16.23 21.70
N ALA E 19 -8.27 -15.95 20.87
CA ALA E 19 -7.15 -15.14 21.33
C ALA E 19 -7.61 -13.73 21.70
N MET E 20 -8.53 -13.17 20.91
CA MET E 20 -9.09 -11.86 21.24
C MET E 20 -9.76 -11.88 22.61
N ALA E 21 -10.63 -12.87 22.81
CA ALA E 21 -11.37 -12.97 24.06
C ALA E 21 -10.43 -13.18 25.24
N ALA E 22 -9.36 -13.96 25.03
CA ALA E 22 -8.42 -14.20 26.12
C ALA E 22 -7.64 -12.93 26.49
N ALA E 23 -7.28 -12.13 25.48
CA ALA E 23 -6.63 -10.85 25.79
C ALA E 23 -7.55 -9.93 26.57
N VAL E 24 -8.82 -9.85 26.15
CA VAL E 24 -9.78 -9.01 26.86
C VAL E 24 -9.95 -9.52 28.29
N LYS E 25 -9.96 -10.83 28.48
CA LYS E 25 -10.12 -11.40 29.82
C LYS E 25 -8.91 -11.13 30.69
N ALA E 26 -7.72 -11.09 30.10
CA ALA E 26 -6.53 -10.72 30.86
C ALA E 26 -6.61 -9.28 31.34
N LYS E 27 -7.01 -8.36 30.46
CA LYS E 27 -7.22 -6.98 30.88
C LYS E 27 -8.29 -6.89 31.96
N ALA E 28 -9.36 -7.67 31.82
CA ALA E 28 -10.42 -7.67 32.82
C ALA E 28 -9.92 -8.19 34.16
N ALA E 29 -9.01 -9.17 34.14
CA ALA E 29 -8.43 -9.69 35.37
C ALA E 29 -7.55 -8.65 36.03
N GLU E 30 -6.73 -7.95 35.25
CA GLU E 30 -5.95 -6.85 35.83
C GLU E 30 -6.86 -5.81 36.47
N ILE E 31 -7.97 -5.48 35.81
CA ILE E 31 -8.84 -4.47 36.39
C ILE E 31 -9.46 -5.00 37.69
N ALA E 32 -9.98 -6.24 37.65
CA ALA E 32 -10.67 -6.81 38.80
C ALA E 32 -9.74 -7.07 39.98
N ALA E 33 -8.45 -7.28 39.72
CA ALA E 33 -7.51 -7.47 40.81
C ALA E 33 -7.42 -6.24 41.69
N THR E 34 -7.78 -5.07 41.17
CA THR E 34 -7.79 -3.82 41.94
C THR E 34 -9.17 -3.48 42.41
N LYS E 35 -10.02 -4.49 42.57
CA LYS E 35 -11.44 -4.34 42.83
C LYS E 35 -11.86 -5.38 43.85
N THR E 36 -13.01 -5.16 44.46
CA THR E 36 -13.57 -6.12 45.43
C THR E 36 -14.26 -7.25 44.68
N PRO E 37 -14.60 -8.36 45.35
CA PRO E 37 -15.26 -9.48 44.65
C PRO E 37 -16.53 -9.07 43.91
N GLU E 38 -17.27 -8.07 44.42
CA GLU E 38 -18.47 -7.55 43.75
C GLU E 38 -18.14 -6.65 42.57
N GLU E 39 -16.97 -6.03 42.57
CA GLU E 39 -16.52 -5.20 41.47
C GLU E 39 -16.15 -6.07 40.25
N ALA E 40 -15.78 -7.34 40.52
CA ALA E 40 -15.34 -8.26 39.47
C ALA E 40 -16.48 -8.73 38.57
N LYS E 41 -17.71 -8.87 39.08
CA LYS E 41 -18.80 -9.18 38.16
C LYS E 41 -18.99 -8.08 37.13
N LYS E 42 -18.94 -6.82 37.56
CA LYS E 42 -19.20 -5.74 36.62
C LYS E 42 -18.08 -5.67 35.58
N VAL E 43 -16.83 -5.88 36.02
CA VAL E 43 -15.72 -5.91 35.08
C VAL E 43 -15.88 -7.07 34.08
N ALA E 44 -16.35 -8.24 34.55
CA ALA E 44 -16.48 -9.40 33.66
C ALA E 44 -17.53 -9.16 32.58
N GLU E 45 -18.68 -8.58 32.93
CA GLU E 45 -19.68 -8.35 31.88
C GLU E 45 -19.25 -7.25 30.91
N ILE E 46 -18.63 -6.19 31.42
CA ILE E 46 -18.13 -5.16 30.52
C ILE E 46 -17.11 -5.77 29.55
N ALA E 47 -16.31 -6.73 30.03
CA ALA E 47 -15.32 -7.42 29.20
C ALA E 47 -15.96 -8.28 28.11
N GLU E 48 -17.05 -8.96 28.46
CA GLU E 48 -17.76 -9.77 27.47
C GLU E 48 -18.28 -8.88 26.35
N LYS E 49 -18.88 -7.74 26.72
CA LYS E 49 -19.39 -6.81 25.71
C LYS E 49 -18.26 -6.23 24.86
N ALA E 50 -17.09 -6.01 25.47
CA ALA E 50 -15.94 -5.55 24.71
C ALA E 50 -15.45 -6.64 23.75
N ILE E 51 -15.48 -7.89 24.19
CA ILE E 51 -15.17 -9.01 23.28
C ILE E 51 -16.09 -8.99 22.07
N GLU E 52 -17.39 -8.75 22.30
CA GLU E 52 -18.34 -8.68 21.20
C GLU E 52 -18.01 -7.52 20.26
N ILE E 53 -17.64 -6.37 20.84
CA ILE E 53 -17.21 -5.23 20.03
C ILE E 53 -16.05 -5.63 19.13
N GLY E 54 -15.08 -6.36 19.72
CA GLY E 54 -13.96 -6.84 18.92
C GLY E 54 -14.42 -7.75 17.79
N LYS E 55 -15.38 -8.63 18.09
CA LYS E 55 -15.92 -9.52 17.06
C LYS E 55 -16.46 -8.70 15.89
N LEU E 56 -17.30 -7.72 16.20
CA LEU E 56 -17.92 -6.88 15.17
C LEU E 56 -16.87 -6.11 14.37
N ALA E 57 -15.89 -5.52 15.04
CA ALA E 57 -14.89 -4.72 14.34
C ALA E 57 -14.05 -5.58 13.41
N ALA E 58 -13.66 -6.78 13.85
CA ALA E 58 -12.88 -7.67 13.00
C ALA E 58 -13.66 -8.08 11.76
N ASP E 59 -14.90 -8.54 11.95
CA ASP E 59 -15.71 -8.94 10.81
C ASP E 59 -15.93 -7.78 9.84
N ALA E 60 -16.17 -6.58 10.38
CA ALA E 60 -16.40 -5.42 9.52
C ALA E 60 -15.16 -5.04 8.73
N ALA E 61 -14.01 -5.07 9.39
CA ALA E 61 -12.76 -4.74 8.72
C ALA E 61 -12.49 -5.70 7.58
N LEU E 62 -12.77 -6.97 7.82
CA LEU E 62 -12.53 -7.97 6.80
C LEU E 62 -13.50 -7.80 5.63
N GLY E 63 -14.76 -7.54 5.92
CA GLY E 63 -15.73 -7.34 4.86
C GLY E 63 -15.40 -6.12 4.01
N ILE E 64 -15.00 -5.02 4.64
CA ILE E 64 -14.62 -3.82 3.90
C ILE E 64 -13.39 -4.10 3.04
N ALA E 65 -12.42 -4.84 3.58
CA ALA E 65 -11.21 -5.13 2.81
C ALA E 65 -11.52 -6.03 1.61
N ALA E 66 -12.37 -7.04 1.81
CA ALA E 66 -12.76 -7.91 0.71
C ALA E 66 -13.49 -7.13 -0.37
N ALA E 67 -14.38 -6.22 0.03
CA ALA E 67 -15.11 -5.42 -0.95
C ALA E 67 -14.17 -4.51 -1.74
N ALA E 68 -13.22 -3.87 -1.04
CA ALA E 68 -12.25 -3.02 -1.73
C ALA E 68 -11.40 -3.83 -2.70
N GLY E 69 -10.98 -5.03 -2.29
CA GLY E 69 -10.21 -5.87 -3.20
C GLY E 69 -10.99 -6.28 -4.42
N GLY E 70 -12.25 -6.69 -4.24
CA GLY E 70 -13.09 -6.98 -5.38
C GLY E 70 -13.25 -5.79 -6.31
N LYS E 71 -13.40 -4.60 -5.73
CA LYS E 71 -13.53 -3.39 -6.54
C LYS E 71 -12.29 -3.17 -7.39
N ALA E 72 -11.11 -3.25 -6.75
CA ALA E 72 -9.86 -3.01 -7.49
C ALA E 72 -9.66 -4.07 -8.57
N VAL E 73 -10.02 -5.32 -8.28
CA VAL E 73 -9.92 -6.37 -9.28
C VAL E 73 -10.79 -6.03 -10.49
N ILE E 74 -12.01 -5.56 -10.24
CA ILE E 74 -12.88 -5.19 -11.36
C ILE E 74 -12.35 -3.95 -12.07
N ALA E 75 -11.71 -3.04 -11.34
CA ALA E 75 -11.22 -1.81 -11.95
C ALA E 75 -10.02 -2.06 -12.86
N LYS E 76 -9.22 -3.10 -12.58
CA LYS E 76 -8.15 -3.40 -13.52
C LYS E 76 -8.52 -4.52 -14.49
N MET E 77 -9.54 -5.32 -14.18
CA MET E 77 -10.18 -6.20 -15.16
C MET E 77 -11.01 -5.40 -16.16
N ALA E 78 -10.71 -4.11 -16.34
CA ALA E 78 -11.66 -3.17 -16.93
C ALA E 78 -12.06 -3.59 -18.35
N ASP E 79 -11.08 -3.82 -19.21
CA ASP E 79 -11.37 -3.96 -20.64
C ASP E 79 -12.15 -5.24 -20.92
N GLY E 80 -11.73 -6.36 -20.35
CA GLY E 80 -12.34 -7.64 -20.66
C GLY E 80 -13.72 -7.84 -20.07
N ILE E 81 -14.19 -6.92 -19.25
CA ILE E 81 -15.53 -6.99 -18.65
C ILE E 81 -16.39 -5.92 -19.28
N SER E 82 -17.61 -6.31 -19.68
CA SER E 82 -18.56 -5.31 -20.15
C SER E 82 -18.94 -4.39 -19.02
N PRO E 83 -19.18 -3.11 -19.30
CA PRO E 83 -19.51 -2.17 -18.23
C PRO E 83 -20.78 -2.51 -17.48
N GLU E 84 -21.71 -3.21 -18.14
CA GLU E 84 -22.88 -3.74 -17.44
C GLU E 84 -22.47 -4.71 -16.33
N LYS E 85 -21.59 -5.66 -16.66
CA LYS E 85 -21.12 -6.60 -15.64
C LYS E 85 -20.26 -5.89 -14.60
N GLN E 86 -19.44 -4.94 -15.05
CA GLN E 86 -18.67 -4.10 -14.13
C GLN E 86 -19.58 -3.45 -13.09
N ALA E 87 -20.69 -2.87 -13.56
CA ALA E 87 -21.60 -2.17 -12.66
C ALA E 87 -22.29 -3.14 -11.72
N LYS E 88 -22.78 -4.27 -12.26
CA LYS E 88 -23.37 -5.31 -11.42
C LYS E 88 -22.46 -5.64 -10.23
N TYR E 89 -21.18 -5.87 -10.51
CA TYR E 89 -20.34 -6.35 -9.42
C TYR E 89 -19.80 -5.22 -8.54
N LEU E 90 -19.59 -4.02 -9.09
CA LEU E 90 -19.24 -2.89 -8.23
C LEU E 90 -20.37 -2.58 -7.26
N ALA E 91 -21.61 -2.79 -7.67
CA ALA E 91 -22.73 -2.59 -6.75
C ALA E 91 -22.76 -3.70 -5.71
N LYS E 92 -22.75 -4.96 -6.15
CA LYS E 92 -22.62 -6.08 -5.23
C LYS E 92 -21.59 -5.82 -4.13
N PHE E 93 -20.41 -5.32 -4.51
CA PHE E 93 -19.38 -5.08 -3.49
C PHE E 93 -19.68 -3.85 -2.63
N ASP E 94 -20.30 -2.82 -3.18
CA ASP E 94 -20.74 -1.71 -2.33
C ASP E 94 -21.75 -2.17 -1.29
N ALA E 95 -22.61 -3.11 -1.68
CA ALA E 95 -23.58 -3.66 -0.73
C ALA E 95 -22.86 -4.46 0.36
N GLU E 96 -21.84 -5.23 -0.01
CA GLU E 96 -21.04 -5.94 0.99
C GLU E 96 -20.42 -4.97 2.00
N ALA E 97 -19.83 -3.88 1.49
CA ALA E 97 -19.22 -2.89 2.38
C ALA E 97 -20.27 -2.26 3.31
N ALA E 98 -21.47 -1.98 2.79
CA ALA E 98 -22.52 -1.41 3.64
C ALA E 98 -22.93 -2.40 4.73
N ALA E 99 -23.01 -3.70 4.39
CA ALA E 99 -23.34 -4.70 5.39
C ALA E 99 -22.28 -4.75 6.49
N ALA E 100 -21.00 -4.59 6.12
CA ALA E 100 -19.95 -4.51 7.13
C ALA E 100 -20.14 -3.28 8.01
N LYS E 101 -20.54 -2.16 7.39
CA LYS E 101 -20.78 -0.96 8.17
C LYS E 101 -21.92 -1.13 9.18
N GLU E 102 -22.92 -2.00 8.89
CA GLU E 102 -23.90 -2.29 9.95
C GLU E 102 -23.20 -2.87 11.18
N GLY E 103 -22.24 -3.77 10.98
CA GLY E 103 -21.53 -4.34 12.12
C GLY E 103 -20.75 -3.31 12.90
N LEU E 104 -20.14 -2.36 12.19
CA LEU E 104 -19.48 -1.27 12.91
C LEU E 104 -20.48 -0.44 13.72
N ALA E 105 -21.66 -0.17 13.15
CA ALA E 105 -22.67 0.59 13.88
C ALA E 105 -23.12 -0.16 15.14
N GLU E 106 -23.32 -1.47 15.02
CA GLU E 106 -23.70 -2.26 16.19
C GLU E 106 -22.62 -2.23 17.26
N ALA E 107 -21.35 -2.27 16.84
CA ALA E 107 -20.26 -2.15 17.80
C ALA E 107 -20.33 -0.80 18.52
N GLU E 108 -20.63 0.28 17.79
CA GLU E 108 -20.76 1.59 18.42
C GLU E 108 -21.93 1.62 19.40
N LYS E 109 -23.02 0.92 19.07
CA LYS E 109 -24.16 0.83 19.99
C LYS E 109 -23.74 0.21 21.31
N ILE E 110 -23.05 -0.94 21.21
CA ILE E 110 -22.58 -1.62 22.40
C ILE E 110 -21.62 -0.73 23.19
N LEU E 111 -20.73 -0.04 22.49
CA LEU E 111 -19.74 0.77 23.20
C LEU E 111 -20.38 1.96 23.91
N LYS E 112 -21.38 2.61 23.32
CA LYS E 112 -21.99 3.73 24.02
C LYS E 112 -22.76 3.25 25.24
N GLU E 113 -23.51 2.15 25.12
CA GLU E 113 -24.16 1.63 26.31
C GLU E 113 -23.15 1.16 27.35
N LEU E 114 -21.99 0.67 26.92
CA LEU E 114 -20.95 0.24 27.84
C LEU E 114 -20.29 1.43 28.52
N LEU E 115 -20.14 2.55 27.80
CA LEU E 115 -19.62 3.78 28.36
C LEU E 115 -20.61 4.43 29.30
N LYS E 116 -21.87 4.03 29.23
CA LYS E 116 -22.84 4.68 30.10
C LYS E 116 -22.71 4.34 31.58
N GLU E 117 -21.85 3.44 32.03
CA GLU E 117 -21.74 3.50 33.47
C GLU E 117 -20.34 3.23 34.04
N ASP E 118 -19.41 2.69 33.25
CA ASP E 118 -18.06 2.59 33.80
C ASP E 118 -17.09 2.98 32.70
N PRO E 119 -16.69 4.25 32.62
CA PRO E 119 -15.92 4.69 31.44
C PRO E 119 -14.55 4.04 31.33
N GLU E 120 -13.86 3.80 32.45
CA GLU E 120 -12.51 3.25 32.35
C GLU E 120 -12.51 1.79 31.95
N ALA E 121 -13.44 1.00 32.48
CA ALA E 121 -13.47 -0.40 32.08
C ALA E 121 -13.88 -0.53 30.62
N ALA E 122 -14.86 0.26 30.19
CA ALA E 122 -15.27 0.24 28.80
C ALA E 122 -14.12 0.65 27.88
N LYS E 123 -13.43 1.74 28.21
CA LYS E 123 -12.36 2.23 27.35
C LYS E 123 -11.18 1.26 27.30
N ALA E 124 -10.74 0.77 28.45
CA ALA E 124 -9.58 -0.12 28.49
C ALA E 124 -9.89 -1.45 27.81
N LEU E 125 -11.05 -2.03 28.12
CA LEU E 125 -11.41 -3.32 27.54
C LEU E 125 -11.66 -3.20 26.04
N THR E 126 -12.27 -2.10 25.59
CA THR E 126 -12.50 -1.92 24.17
C THR E 126 -11.21 -1.64 23.42
N ALA E 127 -10.27 -0.92 24.03
CA ALA E 127 -8.97 -0.72 23.41
C ALA E 127 -8.21 -2.04 23.29
N THR E 128 -8.23 -2.85 24.35
CA THR E 128 -7.61 -4.17 24.28
C THR E 128 -8.27 -5.03 23.21
N ALA E 129 -9.61 -5.00 23.13
CA ALA E 129 -10.32 -5.77 22.13
C ALA E 129 -9.97 -5.33 20.72
N LEU E 130 -9.91 -4.02 20.49
CA LEU E 130 -9.61 -3.52 19.15
C LEU E 130 -8.17 -3.81 18.77
N ALA E 131 -7.25 -3.77 19.72
CA ALA E 131 -5.86 -4.12 19.42
C ALA E 131 -5.74 -5.61 19.08
N ALA E 132 -6.39 -6.47 19.87
CA ALA E 132 -6.37 -7.90 19.57
C ALA E 132 -7.03 -8.20 18.22
N ALA E 133 -8.11 -7.48 17.90
CA ALA E 133 -8.77 -7.67 16.62
C ALA E 133 -7.87 -7.20 15.48
N ALA E 134 -7.19 -6.07 15.65
CA ALA E 134 -6.26 -5.59 14.64
C ALA E 134 -5.14 -6.59 14.39
N ALA E 135 -4.64 -7.22 15.47
CA ALA E 135 -3.61 -8.24 15.28
C ALA E 135 -4.17 -9.43 14.51
N ALA E 136 -5.39 -9.83 14.83
CA ALA E 136 -6.05 -10.94 14.12
C ALA E 136 -6.42 -10.55 12.70
N ILE F 5 12.41 6.01 -8.88
CA ILE F 5 13.04 7.33 -8.80
C ILE F 5 12.17 8.32 -8.04
N SER F 6 10.85 8.31 -8.33
CA SER F 6 9.94 9.24 -7.68
C SER F 6 9.90 9.03 -6.18
N SER F 7 9.97 7.76 -5.74
CA SER F 7 9.99 7.47 -4.31
C SER F 7 11.18 8.14 -3.63
N ALA F 8 12.36 8.06 -4.25
CA ALA F 8 13.56 8.64 -3.64
C ALA F 8 13.46 10.17 -3.52
N LEU F 9 12.90 10.84 -4.53
CA LEU F 9 12.72 12.29 -4.45
C LEU F 9 11.69 12.69 -3.41
N GLN F 10 10.60 11.94 -3.31
CA GLN F 10 9.58 12.23 -2.31
C GLN F 10 10.15 12.04 -0.91
N ASN F 11 10.92 10.95 -0.74
CA ASN F 11 11.56 10.69 0.57
C ASN F 11 12.59 11.80 0.84
N LEU F 12 13.20 12.33 -0.22
CA LEU F 12 14.22 13.40 -0.06
C LEU F 12 13.57 14.63 0.59
N TRP F 13 12.45 15.12 0.05
CA TRP F 13 11.90 16.36 0.67
C TRP F 13 11.21 15.99 1.99
N THR F 14 10.82 14.73 2.16
CA THR F 14 10.26 14.31 3.46
C THR F 14 11.34 14.51 4.49
N ALA F 15 12.59 14.16 4.16
CA ALA F 15 13.71 14.35 5.07
C ALA F 15 14.13 15.81 5.16
N ALA F 16 14.03 16.56 4.06
CA ALA F 16 14.37 17.98 4.09
C ALA F 16 13.42 18.77 4.97
N GLN F 17 12.11 18.50 4.84
CA GLN F 17 11.13 19.14 5.71
C GLN F 17 11.33 18.71 7.16
N ALA F 18 11.76 17.46 7.38
CA ALA F 18 12.05 17.04 8.75
C ALA F 18 13.24 17.80 9.32
N ALA F 19 14.27 18.05 8.52
CA ALA F 19 15.39 18.86 8.97
C ALA F 19 14.96 20.29 9.26
N MET F 20 14.07 20.83 8.41
CA MET F 20 13.53 22.17 8.64
C MET F 20 12.82 22.24 9.98
N ALA F 21 11.92 21.27 10.23
CA ALA F 21 11.18 21.25 11.49
C ALA F 21 12.12 21.05 12.67
N ALA F 22 13.16 20.25 12.50
CA ALA F 22 14.10 20.02 13.59
C ALA F 22 14.88 21.27 13.93
N ALA F 23 15.26 22.07 12.93
CA ALA F 23 15.91 23.34 13.20
C ALA F 23 14.97 24.28 13.96
N VAL F 24 13.70 24.35 13.52
CA VAL F 24 12.75 25.22 14.20
C VAL F 24 12.56 24.77 15.64
N LYS F 25 12.54 23.46 15.85
CA LYS F 25 12.32 22.93 17.18
C LYS F 25 13.55 23.12 18.07
N ALA F 26 14.74 23.12 17.50
CA ALA F 26 15.93 23.43 18.29
C ALA F 26 15.89 24.88 18.75
N LYS F 27 15.55 25.80 17.85
CA LYS F 27 15.40 27.20 18.26
C LYS F 27 14.31 27.33 19.31
N ALA F 28 13.21 26.59 19.15
CA ALA F 28 12.12 26.65 20.12
C ALA F 28 12.57 26.16 21.49
N ALA F 29 13.44 25.14 21.51
CA ALA F 29 13.95 24.66 22.80
C ALA F 29 14.86 25.69 23.45
N GLU F 30 15.73 26.32 22.66
CA GLU F 30 16.56 27.40 23.19
C GLU F 30 15.70 28.51 23.78
N ILE F 31 14.59 28.83 23.11
CA ILE F 31 13.70 29.87 23.64
C ILE F 31 13.01 29.41 24.92
N ALA F 32 12.53 28.17 24.93
CA ALA F 32 11.78 27.66 26.07
C ALA F 32 12.65 27.52 27.31
N ALA F 33 13.96 27.37 27.13
CA ALA F 33 14.85 27.27 28.28
C ALA F 33 14.83 28.53 29.14
N THR F 34 14.38 29.66 28.59
CA THR F 34 14.31 30.92 29.32
C THR F 34 12.89 31.25 29.77
N LYS F 35 12.04 30.24 29.96
CA LYS F 35 10.63 30.46 30.24
C LYS F 35 10.09 29.42 31.23
N THR F 36 8.88 29.69 31.77
CA THR F 36 8.25 28.71 32.65
C THR F 36 7.59 27.64 31.77
N PRO F 37 7.25 26.48 32.34
CA PRO F 37 6.66 25.42 31.50
C PRO F 37 5.40 25.82 30.74
N GLU F 38 4.53 26.67 31.30
CA GLU F 38 3.42 27.21 30.51
C GLU F 38 3.84 28.23 29.49
N GLU F 39 4.97 28.85 29.70
CA GLU F 39 5.51 29.67 28.65
C GLU F 39 6.01 28.75 27.53
N ALA F 40 6.45 27.54 27.92
CA ALA F 40 7.06 26.59 26.99
C ALA F 40 6.05 25.86 26.09
N LYS F 41 4.90 25.43 26.62
CA LYS F 41 3.94 24.76 25.72
C LYS F 41 3.43 25.74 24.64
N LYS F 42 3.17 27.01 25.02
CA LYS F 42 2.77 28.00 24.02
C LYS F 42 3.90 28.23 23.03
N VAL F 43 5.15 28.31 23.52
CA VAL F 43 6.26 28.50 22.59
C VAL F 43 6.30 27.35 21.58
N ALA F 44 5.99 26.13 22.03
CA ALA F 44 5.98 24.99 21.13
C ALA F 44 4.91 25.17 20.06
N GLU F 45 3.76 25.74 20.43
CA GLU F 45 2.73 25.88 19.39
C GLU F 45 3.21 26.88 18.34
N ILE F 46 3.85 27.96 18.81
CA ILE F 46 4.38 28.96 17.88
C ILE F 46 5.43 28.33 16.97
N ALA F 47 6.22 27.39 17.50
CA ALA F 47 7.19 26.69 16.65
C ALA F 47 6.49 25.85 15.60
N GLU F 48 5.38 25.19 15.96
CA GLU F 48 4.61 24.42 14.98
C GLU F 48 4.10 25.31 13.85
N LYS F 49 3.55 26.47 14.20
CA LYS F 49 3.04 27.37 13.17
C LYS F 49 4.17 27.94 12.32
N ALA F 50 5.35 28.16 12.91
CA ALA F 50 6.51 28.60 12.14
C ALA F 50 6.97 27.51 11.17
N ILE F 51 6.94 26.25 11.63
CA ILE F 51 7.20 25.12 10.73
C ILE F 51 6.25 25.13 9.55
N GLU F 52 4.97 25.38 9.81
CA GLU F 52 4.01 25.45 8.70
C GLU F 52 4.36 26.58 7.74
N ILE F 53 4.73 27.74 8.29
CA ILE F 53 5.14 28.87 7.44
C ILE F 53 6.32 28.47 6.55
N GLY F 54 7.33 27.82 7.14
CA GLY F 54 8.48 27.40 6.37
C GLY F 54 8.12 26.41 5.27
N LYS F 55 7.28 25.43 5.61
CA LYS F 55 6.82 24.45 4.63
C LYS F 55 6.13 25.13 3.45
N LEU F 56 5.21 26.05 3.75
CA LEU F 56 4.49 26.77 2.71
C LEU F 56 5.45 27.59 1.84
N ALA F 57 6.41 28.27 2.47
CA ALA F 57 7.34 29.11 1.72
C ALA F 57 8.22 28.26 0.81
N ALA F 58 8.64 27.09 1.28
CA ALA F 58 9.45 26.20 0.43
C ALA F 58 8.65 25.74 -0.78
N ASP F 59 7.42 25.27 -0.56
CA ASP F 59 6.60 24.83 -1.69
C ASP F 59 6.35 25.98 -2.68
N ALA F 60 6.11 27.18 -2.17
CA ALA F 60 5.86 28.32 -3.05
C ALA F 60 7.08 28.68 -3.86
N ALA F 61 8.26 28.67 -3.23
CA ALA F 61 9.50 28.97 -3.95
C ALA F 61 9.74 27.94 -5.04
N LEU F 62 9.50 26.66 -4.75
CA LEU F 62 9.67 25.63 -5.76
C LEU F 62 8.72 25.85 -6.94
N GLY F 63 7.47 26.18 -6.66
CA GLY F 63 6.52 26.41 -7.74
C GLY F 63 6.88 27.61 -8.60
N ILE F 64 7.28 28.70 -7.96
CA ILE F 64 7.68 29.89 -8.71
C ILE F 64 8.90 29.61 -9.56
N ALA F 65 9.86 28.85 -9.02
CA ALA F 65 11.06 28.54 -9.80
C ALA F 65 10.74 27.66 -10.99
N ALA F 66 9.86 26.66 -10.80
CA ALA F 66 9.46 25.82 -11.93
C ALA F 66 8.74 26.63 -13.01
N ALA F 67 7.87 27.55 -12.59
CA ALA F 67 7.16 28.39 -13.58
C ALA F 67 8.13 29.28 -14.34
N ALA F 68 9.09 29.89 -13.63
CA ALA F 68 10.08 30.73 -14.30
C ALA F 68 10.91 29.90 -15.28
N GLY F 69 11.27 28.68 -14.90
CA GLY F 69 11.99 27.81 -15.81
C GLY F 69 11.18 27.50 -17.06
N GLY F 70 9.88 27.23 -16.88
CA GLY F 70 9.02 27.03 -18.04
C GLY F 70 8.99 28.25 -18.95
N LYS F 71 8.95 29.44 -18.36
CA LYS F 71 8.98 30.65 -19.19
C LYS F 71 10.28 30.76 -19.96
N ALA F 72 11.41 30.47 -19.32
CA ALA F 72 12.69 30.52 -20.01
C ALA F 72 12.72 29.52 -21.16
N VAL F 73 12.24 28.30 -20.93
CA VAL F 73 12.24 27.29 -21.98
C VAL F 73 11.48 27.78 -23.22
N ILE F 74 10.30 28.34 -23.03
CA ILE F 74 9.50 28.81 -24.15
C ILE F 74 10.21 29.94 -24.88
N ALA F 75 10.78 30.88 -24.14
CA ALA F 75 11.49 31.98 -24.76
C ALA F 75 12.53 31.49 -25.73
N LYS F 76 13.17 30.38 -25.40
CA LYS F 76 14.17 29.80 -26.29
C LYS F 76 13.53 29.18 -27.51
N MET F 77 12.58 28.27 -27.32
CA MET F 77 11.93 27.61 -28.44
C MET F 77 11.01 28.55 -29.18
N ALA F 78 11.25 29.86 -29.06
CA ALA F 78 10.34 30.82 -29.66
C ALA F 78 9.99 30.49 -31.11
N ASP F 79 11.01 30.34 -31.96
CA ASP F 79 10.75 30.15 -33.38
C ASP F 79 10.12 28.79 -33.67
N GLY F 80 10.53 27.76 -32.93
CA GLY F 80 10.07 26.41 -33.20
C GLY F 80 8.83 26.00 -32.43
N ILE F 81 8.00 26.97 -32.05
CA ILE F 81 6.65 26.72 -31.57
C ILE F 81 5.75 27.84 -32.07
N SER F 82 4.51 27.50 -32.40
CA SER F 82 3.58 28.50 -32.89
C SER F 82 3.32 29.53 -31.79
N PRO F 83 3.15 30.80 -32.16
CA PRO F 83 2.91 31.83 -31.12
C PRO F 83 1.68 31.57 -30.28
N GLU F 84 0.66 30.90 -30.84
CA GLU F 84 -0.52 30.58 -30.04
C GLU F 84 -0.20 29.53 -28.98
N LYS F 85 0.67 28.56 -29.30
CA LYS F 85 1.13 27.62 -28.27
C LYS F 85 2.07 28.29 -27.28
N GLN F 86 2.89 29.24 -27.76
CA GLN F 86 3.65 30.08 -26.85
C GLN F 86 2.75 30.71 -25.81
N ALA F 87 1.64 31.32 -26.26
CA ALA F 87 0.72 31.96 -25.33
C ALA F 87 0.05 30.95 -24.42
N LYS F 88 -0.39 29.82 -24.99
CA LYS F 88 -1.04 28.77 -24.20
C LYS F 88 -0.18 28.38 -23.00
N TYR F 89 1.10 28.12 -23.25
CA TYR F 89 1.93 27.61 -22.16
C TYR F 89 2.49 28.70 -21.26
N LEU F 90 2.75 29.91 -21.80
CA LEU F 90 3.13 31.03 -20.93
C LEU F 90 1.99 31.39 -19.98
N ALA F 91 0.76 31.23 -20.42
CA ALA F 91 -0.37 31.49 -19.53
C ALA F 91 -0.47 30.42 -18.47
N LYS F 92 -0.55 29.15 -18.89
CA LYS F 92 -0.50 28.05 -17.93
C LYS F 92 0.57 28.26 -16.86
N PHE F 93 1.77 28.72 -17.25
CA PHE F 93 2.85 28.91 -16.28
C PHE F 93 2.62 30.13 -15.38
N ASP F 94 2.03 31.20 -15.90
CA ASP F 94 1.67 32.31 -15.02
C ASP F 94 0.63 31.87 -13.99
N ALA F 95 -0.27 30.98 -14.39
CA ALA F 95 -1.27 30.46 -13.45
C ALA F 95 -0.59 29.62 -12.36
N GLU F 96 0.41 28.82 -12.75
CA GLU F 96 1.17 28.07 -11.76
C GLU F 96 1.84 29.01 -10.75
N ALA F 97 2.46 30.08 -11.26
CA ALA F 97 3.10 31.03 -10.36
C ALA F 97 2.09 31.65 -9.39
N ALA F 98 0.91 32.02 -9.90
CA ALA F 98 -0.11 32.62 -9.03
C ALA F 98 -0.55 31.64 -7.95
N ALA F 99 -0.70 30.36 -8.32
CA ALA F 99 -1.07 29.36 -7.32
C ALA F 99 0.00 29.25 -6.23
N ALA F 100 1.28 29.37 -6.59
CA ALA F 100 2.34 29.36 -5.57
C ALA F 100 2.25 30.55 -4.63
N LYS F 101 2.01 31.74 -5.21
CA LYS F 101 1.92 32.97 -4.43
C LYS F 101 0.76 32.91 -3.45
N GLU F 102 -0.28 32.15 -3.78
CA GLU F 102 -1.38 31.91 -2.84
C GLU F 102 -0.91 31.19 -1.57
N GLY F 103 -0.09 30.14 -1.71
CA GLY F 103 0.44 29.48 -0.53
C GLY F 103 1.34 30.40 0.26
N LEU F 104 2.08 31.26 -0.45
CA LEU F 104 2.90 32.24 0.25
C LEU F 104 2.01 33.17 1.08
N ALA F 105 0.85 33.55 0.54
CA ALA F 105 -0.11 34.38 1.27
C ALA F 105 -0.63 33.65 2.52
N GLU F 106 -0.90 32.35 2.41
CA GLU F 106 -1.34 31.62 3.60
C GLU F 106 -0.28 31.63 4.70
N ALA F 107 0.99 31.46 4.32
CA ALA F 107 2.06 31.60 5.30
C ALA F 107 2.05 33.00 5.91
N GLU F 108 1.77 33.99 5.07
CA GLU F 108 1.70 35.37 5.53
C GLU F 108 0.59 35.55 6.57
N LYS F 109 -0.53 34.84 6.38
CA LYS F 109 -1.59 34.88 7.39
C LYS F 109 -1.14 34.29 8.71
N ILE F 110 -0.48 33.14 8.65
CA ILE F 110 0.01 32.51 9.87
C ILE F 110 0.95 33.46 10.61
N LEU F 111 1.81 34.17 9.87
CA LEU F 111 2.72 35.10 10.53
C LEU F 111 1.94 36.27 11.15
N LYS F 112 0.86 36.68 10.50
CA LYS F 112 0.05 37.76 11.04
C LYS F 112 -0.53 37.39 12.39
N GLU F 113 -1.06 36.18 12.48
CA GLU F 113 -1.61 35.73 13.75
C GLU F 113 -0.54 35.44 14.79
N LEU F 114 0.65 34.97 14.38
CA LEU F 114 1.70 34.69 15.35
C LEU F 114 2.32 35.95 15.93
N LEU F 115 2.40 37.03 15.15
CA LEU F 115 2.96 38.27 15.65
C LEU F 115 2.09 38.94 16.70
N LYS F 116 0.86 38.47 16.90
CA LYS F 116 0.00 39.09 17.91
C LYS F 116 0.45 38.73 19.32
N GLU F 117 0.60 37.44 19.62
CA GLU F 117 1.09 37.04 20.93
C GLU F 117 2.49 36.47 20.80
N ASP F 118 3.42 37.04 21.58
CA ASP F 118 4.84 36.75 21.66
C ASP F 118 5.46 37.05 20.30
N PRO F 119 5.63 38.33 19.95
CA PRO F 119 6.14 38.65 18.61
C PRO F 119 7.58 38.24 18.44
N GLU F 120 8.36 38.26 19.52
CA GLU F 120 9.79 38.00 19.42
C GLU F 120 10.07 36.53 19.14
N ALA F 121 9.35 35.63 19.81
CA ALA F 121 9.52 34.21 19.51
C ALA F 121 8.97 33.89 18.13
N ALA F 122 7.87 34.52 17.74
CA ALA F 122 7.32 34.32 16.40
C ALA F 122 8.33 34.73 15.34
N LYS F 123 8.94 35.90 15.49
CA LYS F 123 9.91 36.36 14.50
C LYS F 123 11.15 35.48 14.49
N ALA F 124 11.67 35.11 15.66
CA ALA F 124 12.87 34.28 15.69
C ALA F 124 12.61 32.91 15.08
N LEU F 125 11.50 32.28 15.44
CA LEU F 125 11.18 30.95 14.92
C LEU F 125 10.88 31.01 13.43
N THR F 126 10.22 32.08 12.97
CA THR F 126 9.93 32.20 11.54
C THR F 126 11.21 32.47 10.75
N ALA F 127 12.15 33.22 11.33
CA ALA F 127 13.44 33.42 10.66
C ALA F 127 14.20 32.11 10.55
N THR F 128 14.22 31.32 11.63
CA THR F 128 14.84 30.00 11.57
C THR F 128 14.16 29.11 10.52
N ALA F 129 12.82 29.14 10.48
CA ALA F 129 12.09 28.34 9.51
C ALA F 129 12.41 28.76 8.09
N LEU F 130 12.45 30.07 7.83
CA LEU F 130 12.72 30.55 6.47
C LEU F 130 14.14 30.24 6.06
N ALA F 131 15.10 30.31 6.99
CA ALA F 131 16.47 29.95 6.66
C ALA F 131 16.60 28.46 6.35
N ALA F 132 15.97 27.62 7.18
CA ALA F 132 15.99 26.18 6.92
C ALA F 132 15.32 25.84 5.59
N ALA F 133 14.24 26.55 5.26
CA ALA F 133 13.60 26.35 3.96
C ALA F 133 14.51 26.81 2.82
N ALA F 134 15.20 27.94 3.02
CA ALA F 134 16.13 28.44 2.01
C ALA F 134 17.23 27.43 1.73
N ALA F 135 17.71 26.74 2.77
CA ALA F 135 18.73 25.72 2.55
C ALA F 135 18.21 24.61 1.66
N ALA F 136 16.96 24.19 1.86
CA ALA F 136 16.35 23.16 1.04
C ALA F 136 16.10 23.67 -0.38
N ILE G 5 18.00 22.83 24.28
CA ILE G 5 18.43 21.51 24.70
C ILE G 5 19.31 20.89 23.63
N SER G 6 20.39 20.22 24.06
CA SER G 6 21.29 19.57 23.11
C SER G 6 20.61 18.42 22.38
N SER G 7 19.56 17.85 22.98
CA SER G 7 18.79 16.80 22.31
C SER G 7 18.25 17.29 20.97
N ALA G 8 17.63 18.48 20.96
CA ALA G 8 17.05 19.01 19.73
C ALA G 8 18.10 19.29 18.67
N LEU G 9 19.28 19.77 19.08
CA LEU G 9 20.35 20.00 18.11
C LEU G 9 20.86 18.69 17.52
N GLN G 10 20.97 17.67 18.35
CA GLN G 10 21.40 16.36 17.84
C GLN G 10 20.36 15.78 16.90
N ASN G 11 19.08 15.96 17.23
CA ASN G 11 18.02 15.55 16.31
C ASN G 11 18.10 16.32 15.00
N LEU G 12 18.40 17.62 15.06
CA LEU G 12 18.58 18.43 13.86
C LEU G 12 19.69 17.87 12.99
N TRP G 13 20.83 17.57 13.59
CA TRP G 13 21.94 17.04 12.81
C TRP G 13 21.60 15.67 12.24
N THR G 14 20.87 14.85 13.01
CA THR G 14 20.42 13.56 12.50
C THR G 14 19.53 13.73 11.27
N ALA G 15 18.57 14.66 11.33
CA ALA G 15 17.66 14.87 10.21
C ALA G 15 18.39 15.44 9.00
N ALA G 16 19.40 16.29 9.23
CA ALA G 16 20.19 16.81 8.13
C ALA G 16 20.99 15.70 7.45
N GLN G 17 21.57 14.79 8.25
CA GLN G 17 22.27 13.65 7.68
C GLN G 17 21.31 12.74 6.91
N ALA G 18 20.07 12.62 7.39
CA ALA G 18 19.09 11.81 6.68
C ALA G 18 18.73 12.45 5.34
N ALA G 19 18.60 13.78 5.31
CA ALA G 19 18.36 14.47 4.04
C ALA G 19 19.53 14.28 3.08
N MET G 20 20.76 14.32 3.62
CA MET G 20 21.94 14.07 2.80
C MET G 20 21.88 12.69 2.16
N ALA G 21 21.60 11.67 2.98
CA ALA G 21 21.53 10.30 2.46
C ALA G 21 20.42 10.15 1.45
N ALA G 22 19.29 10.84 1.67
CA ALA G 22 18.18 10.75 0.72
C ALA G 22 18.54 11.39 -0.62
N ALA G 23 19.26 12.51 -0.59
CA ALA G 23 19.72 13.12 -1.84
C ALA G 23 20.69 12.20 -2.58
N VAL G 24 21.63 11.60 -1.85
CA VAL G 24 22.59 10.70 -2.50
C VAL G 24 21.87 9.50 -3.10
N LYS G 25 20.87 8.96 -2.40
CA LYS G 25 20.14 7.81 -2.92
C LYS G 25 19.25 8.19 -4.09
N ALA G 26 18.73 9.42 -4.11
CA ALA G 26 17.99 9.87 -5.28
C ALA G 26 18.90 9.93 -6.51
N LYS G 27 20.11 10.48 -6.34
CA LYS G 27 21.07 10.46 -7.44
C LYS G 27 21.40 9.02 -7.83
N ALA G 28 21.51 8.13 -6.85
CA ALA G 28 21.79 6.73 -7.14
C ALA G 28 20.66 6.10 -7.95
N ALA G 29 19.41 6.48 -7.66
CA ALA G 29 18.28 5.96 -8.42
C ALA G 29 18.30 6.47 -9.86
N GLU G 30 18.58 7.76 -10.04
CA GLU G 30 18.72 8.29 -11.39
C GLU G 30 19.81 7.55 -12.17
N ILE G 31 20.93 7.26 -11.51
CA ILE G 31 22.00 6.53 -12.19
C ILE G 31 21.58 5.10 -12.50
N ALA G 32 20.91 4.44 -11.55
CA ALA G 32 20.52 3.05 -11.72
C ALA G 32 19.45 2.89 -12.80
N ALA G 33 18.67 3.93 -13.08
CA ALA G 33 17.65 3.82 -14.12
C ALA G 33 18.24 3.50 -15.48
N THR G 34 19.52 3.79 -15.71
CA THR G 34 20.21 3.50 -16.95
C THR G 34 21.16 2.31 -16.82
N LYS G 35 20.82 1.34 -15.98
CA LYS G 35 21.72 0.22 -15.68
C LYS G 35 20.97 -1.10 -15.66
N THR G 36 21.75 -2.18 -15.68
CA THR G 36 21.26 -3.55 -15.60
C THR G 36 20.98 -3.91 -14.14
N PRO G 37 20.25 -5.01 -13.87
CA PRO G 37 19.85 -5.27 -12.47
C PRO G 37 20.99 -5.34 -11.45
N GLU G 38 22.12 -5.97 -11.77
CA GLU G 38 23.20 -6.05 -10.80
C GLU G 38 24.01 -4.76 -10.70
N GLU G 39 24.10 -4.00 -11.80
CA GLU G 39 24.82 -2.73 -11.75
C GLU G 39 24.15 -1.76 -10.79
N ALA G 40 22.86 -1.97 -10.51
CA ALA G 40 22.20 -1.16 -9.50
C ALA G 40 22.76 -1.45 -8.11
N LYS G 41 23.22 -2.69 -7.86
CA LYS G 41 23.90 -3.04 -6.63
C LYS G 41 25.21 -2.26 -6.49
N LYS G 42 25.93 -2.11 -7.59
CA LYS G 42 27.16 -1.33 -7.61
C LYS G 42 26.86 0.13 -7.27
N VAL G 43 25.77 0.66 -7.86
CA VAL G 43 25.37 2.02 -7.58
C VAL G 43 25.00 2.17 -6.10
N ALA G 44 24.31 1.17 -5.52
CA ALA G 44 23.89 1.26 -4.13
C ALA G 44 25.08 1.23 -3.16
N GLU G 45 26.08 0.38 -3.43
CA GLU G 45 27.24 0.29 -2.53
C GLU G 45 28.11 1.53 -2.63
N ILE G 46 28.34 2.01 -3.85
CA ILE G 46 29.10 3.24 -3.99
C ILE G 46 28.34 4.40 -3.37
N ALA G 47 27.01 4.40 -3.46
CA ALA G 47 26.21 5.46 -2.87
C ALA G 47 26.31 5.46 -1.35
N GLU G 48 26.31 4.26 -0.73
CA GLU G 48 26.48 4.21 0.72
C GLU G 48 27.83 4.78 1.12
N LYS G 49 28.89 4.39 0.40
CA LYS G 49 30.19 4.98 0.76
C LYS G 49 30.23 6.48 0.51
N ALA G 50 29.52 6.96 -0.51
CA ALA G 50 29.46 8.39 -0.78
C ALA G 50 28.71 9.13 0.32
N ILE G 51 27.63 8.54 0.84
CA ILE G 51 26.96 9.10 2.01
C ILE G 51 27.95 9.20 3.17
N GLU G 52 28.77 8.16 3.35
CA GLU G 52 29.78 8.19 4.40
C GLU G 52 30.77 9.34 4.19
N ILE G 53 31.21 9.53 2.94
CA ILE G 53 32.09 10.64 2.60
C ILE G 53 31.43 11.97 2.98
N GLY G 54 30.14 12.12 2.64
CA GLY G 54 29.45 13.35 2.95
C GLY G 54 29.37 13.62 4.44
N LYS G 55 29.05 12.58 5.23
CA LYS G 55 29.00 12.73 6.68
C LYS G 55 30.36 13.15 7.23
N LEU G 56 31.42 12.47 6.78
CA LEU G 56 32.76 12.80 7.24
C LEU G 56 33.13 14.24 6.88
N ALA G 57 32.82 14.67 5.66
CA ALA G 57 33.15 16.02 5.24
C ALA G 57 32.38 17.06 6.04
N ALA G 58 31.11 16.79 6.34
CA ALA G 58 30.31 17.72 7.13
C ALA G 58 30.88 17.88 8.53
N ASP G 59 31.14 16.74 9.21
CA ASP G 59 31.71 16.81 10.56
C ASP G 59 33.07 17.51 10.55
N ALA G 60 33.89 17.22 9.53
CA ALA G 60 35.21 17.82 9.46
C ALA G 60 35.12 19.33 9.23
N ALA G 61 34.22 19.77 8.35
CA ALA G 61 34.05 21.20 8.13
C ALA G 61 33.57 21.89 9.39
N LEU G 62 32.65 21.27 10.13
CA LEU G 62 32.19 21.87 11.38
C LEU G 62 33.32 21.98 12.39
N GLY G 63 34.14 20.94 12.52
CA GLY G 63 35.26 21.01 13.46
C GLY G 63 36.29 22.04 13.06
N ILE G 64 36.62 22.11 11.78
CA ILE G 64 37.58 23.09 11.28
C ILE G 64 37.05 24.51 11.51
N ALA G 65 35.75 24.72 11.27
CA ALA G 65 35.17 26.05 11.45
C ALA G 65 35.18 26.44 12.92
N ALA G 66 34.85 25.50 13.82
CA ALA G 66 34.89 25.82 15.24
C ALA G 66 36.31 26.15 15.68
N ALA G 67 37.30 25.40 15.19
CA ALA G 67 38.68 25.68 15.56
C ALA G 67 39.14 27.03 15.03
N ALA G 68 38.80 27.36 13.77
CA ALA G 68 39.18 28.64 13.20
C ALA G 68 38.51 29.81 13.91
N GLY G 69 37.22 29.67 14.24
CA GLY G 69 36.54 30.75 14.96
C GLY G 69 37.12 30.95 16.34
N GLY G 70 37.35 29.87 17.07
CA GLY G 70 38.02 29.97 18.36
C GLY G 70 39.40 30.59 18.22
N LYS G 71 40.09 30.28 17.13
CA LYS G 71 41.42 30.83 16.89
C LYS G 71 41.34 32.34 16.72
N ALA G 72 40.36 32.82 15.96
CA ALA G 72 40.21 34.26 15.74
C ALA G 72 39.78 34.97 17.02
N VAL G 73 39.03 34.29 17.89
CA VAL G 73 38.65 34.87 19.18
C VAL G 73 39.89 35.29 19.97
N ILE G 74 40.97 34.51 19.85
CA ILE G 74 42.20 34.75 20.61
C ILE G 74 42.84 36.10 20.30
N ALA G 75 42.37 36.78 19.26
CA ALA G 75 42.89 38.10 18.94
C ALA G 75 42.72 39.03 20.13
N LYS G 76 42.43 38.47 21.30
CA LYS G 76 42.32 39.29 22.50
C LYS G 76 43.73 39.64 22.99
N MET G 77 43.84 40.14 24.22
CA MET G 77 45.15 40.51 24.77
C MET G 77 45.31 40.03 26.21
N GLN G 86 47.95 32.19 25.56
CA GLN G 86 47.70 32.71 24.22
C GLN G 86 48.17 31.73 23.16
N ALA G 87 49.49 31.60 22.98
CA ALA G 87 50.02 30.56 22.12
C ALA G 87 49.69 29.18 22.63
N LYS G 88 49.44 29.04 23.94
CA LYS G 88 48.92 27.80 24.48
C LYS G 88 47.63 27.39 23.77
N TYR G 89 46.72 28.35 23.56
CA TYR G 89 45.42 28.02 23.00
C TYR G 89 45.46 27.97 21.47
N LEU G 90 46.33 28.78 20.86
CA LEU G 90 46.59 28.71 19.42
C LEU G 90 47.24 27.38 19.03
N ALA G 91 47.31 26.46 19.98
CA ALA G 91 47.75 25.09 19.80
C ALA G 91 46.59 24.14 20.03
N LYS G 92 45.97 24.25 21.20
CA LYS G 92 44.73 23.55 21.54
C LYS G 92 43.76 23.54 20.36
N PHE G 93 43.56 24.69 19.72
CA PHE G 93 42.67 24.75 18.56
C PHE G 93 43.26 24.13 17.30
N ASP G 94 44.57 24.23 17.09
CA ASP G 94 45.18 23.53 15.95
C ASP G 94 45.01 22.02 16.09
N ALA G 95 45.11 21.51 17.31
CA ALA G 95 44.90 20.09 17.55
C ALA G 95 43.46 19.70 17.29
N GLU G 96 42.51 20.55 17.71
CA GLU G 96 41.11 20.30 17.38
C GLU G 96 40.90 20.25 15.87
N ALA G 97 41.48 21.21 15.14
CA ALA G 97 41.35 21.23 13.69
C ALA G 97 41.94 19.99 13.04
N ALA G 98 43.09 19.53 13.53
CA ALA G 98 43.70 18.32 12.97
C ALA G 98 42.83 17.09 13.22
N ALA G 99 42.28 16.98 14.44
CA ALA G 99 41.41 15.85 14.74
C ALA G 99 40.17 15.86 13.84
N ALA G 100 39.62 17.05 13.57
CA ALA G 100 38.49 17.14 12.64
C ALA G 100 38.90 16.75 11.22
N LYS G 101 40.07 17.21 10.78
CA LYS G 101 40.62 16.95 9.45
C LYS G 101 40.90 15.47 9.21
N GLU G 102 41.09 14.70 10.28
CA GLU G 102 41.23 13.24 10.14
C GLU G 102 40.06 12.64 9.35
N GLY G 103 38.85 13.14 9.60
CA GLY G 103 37.70 12.66 8.85
C GLY G 103 37.82 12.92 7.36
N LEU G 104 38.40 14.06 6.99
CA LEU G 104 38.66 14.33 5.58
C LEU G 104 39.64 13.32 5.02
N ALA G 105 40.66 12.95 5.81
CA ALA G 105 41.61 11.94 5.34
C ALA G 105 40.91 10.60 5.09
N GLU G 106 40.03 10.19 6.02
CA GLU G 106 39.27 8.96 5.83
C GLU G 106 38.37 9.05 4.60
N ALA G 107 37.78 10.22 4.37
CA ALA G 107 36.96 10.42 3.18
C ALA G 107 37.77 10.26 1.90
N GLU G 108 38.98 10.82 1.88
CA GLU G 108 39.84 10.64 0.72
C GLU G 108 40.17 9.18 0.53
N LYS G 109 40.35 8.47 1.64
CA LYS G 109 40.62 7.04 1.63
C LYS G 109 39.51 6.27 0.93
N ILE G 110 38.27 6.58 1.29
CA ILE G 110 37.11 5.95 0.66
C ILE G 110 36.97 6.36 -0.79
N LEU G 111 37.10 7.66 -1.07
CA LEU G 111 36.82 8.19 -2.40
C LEU G 111 37.83 7.73 -3.44
N LYS G 112 39.11 7.60 -3.05
CA LYS G 112 40.11 7.21 -4.04
C LYS G 112 39.83 5.76 -4.49
N GLU G 113 39.47 4.90 -3.53
CA GLU G 113 39.03 3.54 -3.85
C GLU G 113 37.76 3.54 -4.68
N LEU G 114 36.86 4.52 -4.46
CA LEU G 114 35.65 4.59 -5.28
C LEU G 114 35.95 5.02 -6.70
N LEU G 115 36.90 5.93 -6.88
CA LEU G 115 37.27 6.37 -8.22
C LEU G 115 38.01 5.29 -8.99
N LYS G 116 38.70 4.39 -8.28
CA LYS G 116 39.46 3.33 -8.92
C LYS G 116 38.55 2.13 -9.31
N GLU G 117 37.24 2.21 -9.01
CA GLU G 117 36.24 1.16 -9.27
C GLU G 117 35.26 1.47 -10.40
N ASP G 118 34.77 2.71 -10.46
CA ASP G 118 33.81 3.22 -11.42
C ASP G 118 33.83 4.74 -11.29
N PRO G 119 34.62 5.42 -12.13
CA PRO G 119 34.84 6.85 -11.91
C PRO G 119 33.58 7.70 -12.04
N GLU G 120 32.68 7.37 -12.95
CA GLU G 120 31.51 8.25 -13.13
C GLU G 120 30.52 8.11 -11.97
N ALA G 121 30.26 6.89 -11.51
CA ALA G 121 29.33 6.74 -10.40
C ALA G 121 29.90 7.32 -9.12
N ALA G 122 31.20 7.10 -8.89
CA ALA G 122 31.86 7.68 -7.72
C ALA G 122 31.82 9.21 -7.78
N LYS G 123 32.13 9.78 -8.94
CA LYS G 123 32.17 11.23 -9.06
C LYS G 123 30.78 11.84 -8.88
N ALA G 124 29.76 11.27 -9.52
CA ALA G 124 28.42 11.83 -9.42
C ALA G 124 27.87 11.69 -8.01
N LEU G 125 28.00 10.51 -7.40
CA LEU G 125 27.46 10.30 -6.07
C LEU G 125 28.21 11.11 -5.03
N THR G 126 29.54 11.23 -5.17
CA THR G 126 30.31 12.03 -4.22
C THR G 126 30.05 13.53 -4.38
N ALA G 127 29.82 14.00 -5.61
CA ALA G 127 29.45 15.39 -5.80
C ALA G 127 28.09 15.67 -5.16
N THR G 128 27.13 14.78 -5.37
CA THR G 128 25.84 14.92 -4.71
C THR G 128 26.00 14.91 -3.19
N ALA G 129 26.86 14.01 -2.68
CA ALA G 129 27.10 13.93 -1.25
C ALA G 129 27.69 15.22 -0.69
N LEU G 130 28.67 15.80 -1.39
CA LEU G 130 29.30 17.02 -0.89
C LEU G 130 28.34 18.21 -0.97
N ALA G 131 27.52 18.27 -2.01
CA ALA G 131 26.52 19.33 -2.09
C ALA G 131 25.47 19.18 -0.97
N ALA G 132 25.03 17.94 -0.74
CA ALA G 132 24.12 17.68 0.37
C ALA G 132 24.75 18.01 1.70
N ALA G 133 26.06 17.79 1.84
CA ALA G 133 26.75 18.17 3.08
C ALA G 133 26.74 19.67 3.27
N ALA G 134 26.98 20.43 2.20
CA ALA G 134 26.89 21.88 2.31
C ALA G 134 25.48 22.30 2.69
N ALA G 135 24.47 21.67 2.10
CA ALA G 135 23.09 21.98 2.44
C ALA G 135 22.77 21.64 3.89
N ALA G 136 23.30 20.52 4.38
CA ALA G 136 23.06 20.11 5.76
C ALA G 136 23.74 21.05 6.75
N ILE G 137 24.95 21.50 6.43
CA ILE G 137 25.59 22.51 7.26
C ILE G 137 24.79 23.81 7.24
N ALA G 138 24.18 24.13 6.10
CA ALA G 138 23.30 25.30 6.05
C ALA G 138 22.08 25.12 6.93
N ALA G 139 21.48 23.93 6.90
CA ALA G 139 20.30 23.66 7.73
C ALA G 139 20.64 23.65 9.21
N LEU G 140 21.86 23.26 9.56
CA LEU G 140 22.30 23.29 10.95
C LEU G 140 22.40 24.72 11.46
N LEU G 141 22.90 25.62 10.63
CA LEU G 141 23.16 26.99 11.05
C LEU G 141 21.87 27.82 11.09
N ARG H 4 -3.98 -14.85 39.42
CA ARG H 4 -5.17 -15.09 38.61
C ARG H 4 -5.08 -14.24 37.35
N ILE H 5 -4.23 -13.23 37.40
CA ILE H 5 -3.89 -12.48 36.19
C ILE H 5 -2.88 -13.27 35.37
N SER H 6 -2.02 -14.06 36.02
CA SER H 6 -1.09 -14.91 35.29
C SER H 6 -1.82 -16.06 34.61
N SER H 7 -2.79 -16.67 35.31
CA SER H 7 -3.70 -17.64 34.70
C SER H 7 -4.23 -17.13 33.36
N ALA H 8 -4.98 -16.02 33.40
CA ALA H 8 -5.60 -15.48 32.20
C ALA H 8 -4.57 -15.09 31.14
N LEU H 9 -3.41 -14.57 31.57
CA LEU H 9 -2.36 -14.31 30.59
C LEU H 9 -1.81 -15.61 29.99
N GLN H 10 -1.69 -16.66 30.79
CA GLN H 10 -1.27 -17.94 30.24
C GLN H 10 -2.33 -18.49 29.30
N ASN H 11 -3.61 -18.35 29.63
CA ASN H 11 -4.66 -18.78 28.71
C ASN H 11 -4.58 -17.99 27.40
N LEU H 12 -4.28 -16.70 27.50
CA LEU H 12 -4.08 -15.86 26.32
C LEU H 12 -2.95 -16.40 25.46
N TRP H 13 -1.82 -16.72 26.08
CA TRP H 13 -0.69 -17.22 25.30
C TRP H 13 -1.01 -18.57 24.66
N THR H 14 -1.72 -19.43 25.40
CA THR H 14 -2.14 -20.71 24.83
C THR H 14 -3.03 -20.52 23.62
N ALA H 15 -4.00 -19.59 23.71
CA ALA H 15 -4.89 -19.35 22.58
C ALA H 15 -4.15 -18.74 21.41
N ALA H 16 -3.14 -17.90 21.68
CA ALA H 16 -2.35 -17.32 20.61
C ALA H 16 -1.53 -18.39 19.90
N GLN H 17 -0.92 -19.31 20.66
CA GLN H 17 -0.18 -20.39 20.02
C GLN H 17 -1.13 -21.29 19.23
N ALA H 18 -2.36 -21.47 19.71
CA ALA H 18 -3.33 -22.28 18.99
C ALA H 18 -3.72 -21.62 17.67
N ALA H 19 -3.88 -20.29 17.68
CA ALA H 19 -4.14 -19.58 16.42
C ALA H 19 -2.96 -19.71 15.48
N MET H 20 -1.73 -19.67 16.03
CA MET H 20 -0.53 -19.87 15.22
C MET H 20 -0.57 -21.23 14.53
N ALA H 21 -0.86 -22.28 15.31
CA ALA H 21 -0.90 -23.64 14.76
C ALA H 21 -2.02 -23.77 13.73
N ALA H 22 -3.14 -23.10 13.95
CA ALA H 22 -4.24 -23.17 12.99
C ALA H 22 -3.87 -22.51 11.68
N ALA H 23 -3.15 -21.39 11.74
CA ALA H 23 -2.67 -20.76 10.50
C ALA H 23 -1.69 -21.67 9.77
N VAL H 24 -0.77 -22.29 10.51
CA VAL H 24 0.20 -23.19 9.88
C VAL H 24 -0.52 -24.36 9.23
N LYS H 25 -1.54 -24.91 9.90
CA LYS H 25 -2.24 -26.06 9.33
C LYS H 25 -3.12 -25.66 8.14
N ALA H 26 -3.64 -24.43 8.12
CA ALA H 26 -4.35 -23.97 6.93
C ALA H 26 -3.41 -23.88 5.74
N LYS H 27 -2.21 -23.33 5.95
CA LYS H 27 -1.21 -23.31 4.89
C LYS H 27 -0.85 -24.73 4.45
N ALA H 28 -0.75 -25.65 5.43
CA ALA H 28 -0.44 -27.03 5.10
C ALA H 28 -1.53 -27.67 4.27
N ALA H 29 -2.79 -27.31 4.53
CA ALA H 29 -3.90 -27.85 3.73
C ALA H 29 -3.85 -27.32 2.30
N GLU H 30 -3.59 -26.02 2.14
CA GLU H 30 -3.44 -25.48 0.79
C GLU H 30 -2.31 -26.20 0.05
N ILE H 31 -1.21 -26.49 0.74
CA ILE H 31 -0.10 -27.17 0.09
C ILE H 31 -0.47 -28.62 -0.25
N ALA H 32 -1.12 -29.31 0.69
CA ALA H 32 -1.45 -30.72 0.51
C ALA H 32 -2.48 -30.95 -0.58
N ALA H 33 -3.25 -29.93 -0.93
CA ALA H 33 -4.31 -30.08 -1.95
C ALA H 33 -3.70 -30.44 -3.31
N THR H 34 -2.43 -30.08 -3.53
CA THR H 34 -1.80 -30.34 -4.85
C THR H 34 -0.74 -31.41 -4.69
N LYS H 35 -0.90 -32.31 -3.71
CA LYS H 35 0.11 -33.35 -3.44
C LYS H 35 -0.55 -34.74 -3.49
N THR H 36 0.24 -35.80 -3.72
CA THR H 36 -0.30 -37.17 -3.70
C THR H 36 -0.63 -37.53 -2.26
N PRO H 37 -1.58 -38.46 -1.99
CA PRO H 37 -1.97 -38.73 -0.61
C PRO H 37 -0.76 -39.01 0.27
N GLU H 38 0.19 -39.81 -0.23
CA GLU H 38 1.40 -40.15 0.55
C GLU H 38 2.20 -38.86 0.84
N GLU H 39 2.29 -37.97 -0.14
CA GLU H 39 3.03 -36.70 0.03
C GLU H 39 2.32 -35.86 1.11
N ALA H 40 0.99 -35.84 1.09
CA ALA H 40 0.21 -35.04 2.07
C ALA H 40 0.59 -35.48 3.49
N LYS H 41 0.88 -36.77 3.68
CA LYS H 41 1.29 -37.28 5.02
C LYS H 41 2.50 -36.47 5.52
N LYS H 42 3.59 -36.46 4.75
CA LYS H 42 4.78 -35.72 5.17
C LYS H 42 4.48 -34.24 5.37
N VAL H 43 3.56 -33.68 4.58
CA VAL H 43 3.22 -32.27 4.80
C VAL H 43 2.72 -32.06 6.22
N ALA H 44 1.98 -33.02 6.77
CA ALA H 44 1.48 -32.87 8.14
C ALA H 44 2.61 -32.83 9.16
N GLU H 45 3.63 -33.69 8.99
CA GLU H 45 4.75 -33.73 9.94
C GLU H 45 5.60 -32.48 9.83
N ILE H 46 5.79 -32.00 8.60
CA ILE H 46 6.53 -30.75 8.41
C ILE H 46 5.77 -29.59 9.04
N ALA H 47 4.44 -29.62 8.96
CA ALA H 47 3.64 -28.55 9.57
C ALA H 47 3.80 -28.57 11.08
N GLU H 48 3.83 -29.76 11.68
CA GLU H 48 4.07 -29.85 13.12
C GLU H 48 5.44 -29.27 13.48
N LYS H 49 6.47 -29.58 12.69
CA LYS H 49 7.80 -29.04 12.98
C LYS H 49 7.81 -27.51 12.83
N ALA H 50 7.05 -26.99 11.86
CA ALA H 50 6.99 -25.54 11.69
C ALA H 50 6.27 -24.85 12.85
N ILE H 51 5.19 -25.46 13.35
CA ILE H 51 4.54 -24.95 14.55
C ILE H 51 5.54 -24.88 15.70
N GLU H 52 6.36 -25.91 15.86
CA GLU H 52 7.36 -25.89 16.93
C GLU H 52 8.35 -24.74 16.72
N ILE H 53 8.79 -24.53 15.48
CA ILE H 53 9.69 -23.40 15.19
C ILE H 53 9.02 -22.09 15.58
N GLY H 54 7.75 -21.93 15.24
CA GLY H 54 7.05 -20.69 15.56
C GLY H 54 6.95 -20.43 17.06
N LYS H 55 6.58 -21.47 17.81
CA LYS H 55 6.51 -21.34 19.27
C LYS H 55 7.87 -20.93 19.84
N LEU H 56 8.93 -21.62 19.42
CA LEU H 56 10.26 -21.31 19.91
C LEU H 56 10.65 -19.86 19.60
N ALA H 57 10.39 -19.42 18.36
CA ALA H 57 10.76 -18.06 17.98
C ALA H 57 9.98 -17.02 18.77
N ALA H 58 8.69 -17.27 19.03
CA ALA H 58 7.90 -16.33 19.81
C ALA H 58 8.45 -16.20 21.23
N ASP H 59 8.66 -17.33 21.91
CA ASP H 59 9.19 -17.28 23.27
C ASP H 59 10.56 -16.60 23.31
N ALA H 60 11.41 -16.89 22.31
CA ALA H 60 12.74 -16.30 22.28
C ALA H 60 12.67 -14.80 22.06
N ALA H 61 11.79 -14.34 21.16
CA ALA H 61 11.64 -12.91 20.94
C ALA H 61 11.17 -12.21 22.20
N LEU H 62 10.22 -12.82 22.93
CA LEU H 62 9.75 -12.21 24.16
C LEU H 62 10.87 -12.09 25.18
N GLY H 63 11.68 -13.14 25.32
CA GLY H 63 12.78 -13.09 26.27
C GLY H 63 13.84 -12.08 25.89
N ILE H 64 14.19 -12.03 24.59
CA ILE H 64 15.17 -11.06 24.11
C ILE H 64 14.69 -9.64 24.33
N ALA H 65 13.40 -9.38 24.09
CA ALA H 65 12.87 -8.05 24.30
C ALA H 65 12.90 -7.66 25.76
N ALA H 66 12.54 -8.60 26.65
CA ALA H 66 12.61 -8.30 28.08
C ALA H 66 14.04 -8.00 28.52
N ALA H 67 15.00 -8.77 28.02
CA ALA H 67 16.40 -8.53 28.37
C ALA H 67 16.88 -7.18 27.85
N ALA H 68 16.54 -6.85 26.61
CA ALA H 68 16.94 -5.55 26.06
C ALA H 68 16.33 -4.40 26.84
N GLY H 69 15.06 -4.53 27.23
CA GLY H 69 14.44 -3.49 28.04
C GLY H 69 15.11 -3.35 29.39
N GLY H 70 15.44 -4.48 30.02
CA GLY H 70 16.18 -4.42 31.27
C GLY H 70 17.52 -3.73 31.12
N LYS H 71 18.23 -3.99 30.03
CA LYS H 71 19.51 -3.33 29.82
C LYS H 71 19.37 -1.80 29.84
N ALA H 72 18.32 -1.28 29.22
CA ALA H 72 18.12 0.16 29.18
C ALA H 72 17.74 0.73 30.54
N VAL H 73 16.94 -0.02 31.28
CA VAL H 73 16.57 0.41 32.62
C VAL H 73 17.79 0.33 33.53
N ILE H 74 18.68 -0.62 33.27
CA ILE H 74 19.90 -0.68 34.06
C ILE H 74 20.74 0.53 33.73
N ALA H 75 20.74 0.91 32.47
CA ALA H 75 21.46 2.10 32.09
C ALA H 75 20.92 3.25 32.90
N LYS H 76 19.59 3.37 32.97
CA LYS H 76 18.98 4.42 33.80
C LYS H 76 20.00 5.36 34.44
N ALA H 87 26.58 -2.59 36.08
CA ALA H 87 27.35 -3.48 35.23
C ALA H 87 27.13 -4.93 35.64
N LYS H 88 27.00 -5.15 36.95
CA LYS H 88 26.50 -6.44 37.44
C LYS H 88 25.17 -6.78 36.77
N TYR H 89 24.27 -5.80 36.70
CA TYR H 89 22.94 -6.00 36.17
C TYR H 89 22.85 -5.84 34.66
N LEU H 90 23.77 -5.10 34.02
CA LEU H 90 23.83 -5.15 32.56
C LEU H 90 24.17 -6.57 32.12
N ALA H 91 25.02 -7.26 32.88
CA ALA H 91 25.13 -8.69 32.74
C ALA H 91 23.97 -9.30 33.50
N LYS H 92 23.75 -10.62 33.35
CA LYS H 92 22.59 -11.29 33.94
C LYS H 92 21.41 -11.03 33.01
N PHE H 93 21.30 -9.79 32.53
CA PHE H 93 20.38 -9.50 31.43
C PHE H 93 20.93 -10.05 30.13
N ASP H 94 22.24 -10.00 29.96
CA ASP H 94 22.88 -10.67 28.82
C ASP H 94 22.69 -12.17 28.90
N ALA H 95 22.74 -12.74 30.11
CA ALA H 95 22.52 -14.17 30.27
C ALA H 95 21.08 -14.57 29.99
N GLU H 96 20.12 -13.74 30.43
CA GLU H 96 18.72 -14.01 30.11
C GLU H 96 18.50 -13.99 28.60
N ALA H 97 19.07 -13.02 27.90
CA ALA H 97 18.97 -12.98 26.44
C ALA H 97 19.57 -14.23 25.81
N ALA H 98 20.69 -14.71 26.37
CA ALA H 98 21.33 -15.92 25.86
C ALA H 98 20.43 -17.14 26.04
N ALA H 99 19.74 -17.23 27.18
CA ALA H 99 18.84 -18.37 27.41
C ALA H 99 17.68 -18.37 26.44
N ALA H 100 17.14 -17.19 26.12
CA ALA H 100 16.07 -17.13 25.11
C ALA H 100 16.59 -17.60 23.76
N LYS H 101 17.83 -17.21 23.40
CA LYS H 101 18.42 -17.62 22.14
C LYS H 101 18.64 -19.12 22.02
N GLU H 102 18.71 -19.84 23.14
CA GLU H 102 18.76 -21.29 23.05
C GLU H 102 17.55 -21.82 22.29
N GLY H 103 16.38 -21.22 22.53
CA GLY H 103 15.20 -21.60 21.77
C GLY H 103 15.34 -21.32 20.28
N LEU H 104 16.00 -20.20 19.92
CA LEU H 104 16.25 -19.91 18.52
C LEU H 104 17.15 -20.96 17.89
N ALA H 105 18.19 -21.39 18.62
CA ALA H 105 19.06 -22.43 18.09
C ALA H 105 18.31 -23.72 17.86
N GLU H 106 17.44 -24.09 18.81
CA GLU H 106 16.62 -25.28 18.65
C GLU H 106 15.66 -25.15 17.47
N ALA H 107 15.08 -23.96 17.26
CA ALA H 107 14.20 -23.77 16.11
C ALA H 107 14.93 -24.00 14.80
N GLU H 108 16.14 -23.43 14.66
CA GLU H 108 16.89 -23.66 13.43
C GLU H 108 17.37 -25.11 13.31
N LYS H 109 17.65 -25.78 14.45
CA LYS H 109 17.94 -27.21 14.38
C LYS H 109 16.78 -27.96 13.73
N ILE H 110 15.55 -27.63 14.11
CA ILE H 110 14.40 -28.22 13.44
C ILE H 110 14.42 -27.87 11.95
N LEU H 111 14.78 -26.64 11.62
CA LEU H 111 14.74 -26.17 10.24
C LEU H 111 15.71 -26.91 9.32
N LYS H 112 16.75 -27.55 9.86
CA LYS H 112 17.75 -28.16 8.98
C LYS H 112 17.16 -29.30 8.16
N GLU H 113 16.52 -30.23 8.85
CA GLU H 113 15.91 -31.40 8.23
C GLU H 113 14.70 -31.01 7.39
N LEU H 114 14.03 -29.91 7.75
CA LEU H 114 12.90 -29.47 6.95
C LEU H 114 13.33 -29.01 5.56
N LEU H 115 14.49 -28.34 5.44
CA LEU H 115 14.94 -27.93 4.12
C LEU H 115 15.56 -29.06 3.30
N LYS H 116 16.12 -30.09 3.90
CA LYS H 116 16.66 -31.18 3.10
C LYS H 116 15.63 -32.24 2.72
N GLU H 117 14.41 -32.18 3.24
CA GLU H 117 13.44 -33.24 2.94
C GLU H 117 12.30 -32.77 2.03
N ASP H 118 12.05 -31.47 1.95
CA ASP H 118 11.09 -30.82 1.07
C ASP H 118 11.28 -29.33 1.24
N PRO H 119 12.09 -28.68 0.39
CA PRO H 119 12.46 -27.28 0.69
C PRO H 119 11.30 -26.32 0.62
N GLU H 120 10.37 -26.47 -0.33
CA GLU H 120 9.31 -25.48 -0.44
C GLU H 120 8.27 -25.62 0.66
N ALA H 121 7.92 -26.85 1.04
CA ALA H 121 6.96 -27.00 2.12
C ALA H 121 7.53 -26.48 3.43
N ALA H 122 8.81 -26.75 3.66
CA ALA H 122 9.48 -26.22 4.85
C ALA H 122 9.50 -24.70 4.83
N LYS H 123 9.86 -24.10 3.70
CA LYS H 123 9.96 -22.65 3.62
C LYS H 123 8.61 -21.99 3.82
N ALA H 124 7.57 -22.50 3.14
CA ALA H 124 6.25 -21.90 3.24
C ALA H 124 5.66 -22.08 4.64
N LEU H 125 5.75 -23.29 5.20
CA LEU H 125 5.17 -23.53 6.51
C LEU H 125 5.92 -22.77 7.59
N THR H 126 7.26 -22.67 7.49
CA THR H 126 8.01 -21.93 8.49
C THR H 126 7.79 -20.43 8.36
N ALA H 127 7.62 -19.92 7.14
CA ALA H 127 7.28 -18.51 6.97
C ALA H 127 5.91 -18.21 7.57
N THR H 128 4.93 -19.07 7.30
CA THR H 128 3.62 -18.92 7.92
C THR H 128 3.72 -18.97 9.44
N ALA H 129 4.53 -19.89 9.96
CA ALA H 129 4.71 -20.01 11.40
C ALA H 129 5.31 -18.74 12.00
N LEU H 130 6.32 -18.17 11.34
CA LEU H 130 6.97 -16.98 11.88
C LEU H 130 6.05 -15.76 11.80
N ALA H 131 5.27 -15.65 10.72
CA ALA H 131 4.31 -14.56 10.62
C ALA H 131 3.21 -14.70 11.68
N ALA H 132 2.69 -15.91 11.84
CA ALA H 132 1.71 -16.17 12.89
C ALA H 132 2.31 -15.91 14.27
N ALA H 133 3.59 -16.20 14.46
CA ALA H 133 4.24 -15.91 15.73
C ALA H 133 4.30 -14.41 16.00
N ALA H 134 4.62 -13.63 14.97
CA ALA H 134 4.58 -12.17 15.13
C ALA H 134 3.17 -11.71 15.48
N ALA H 135 2.17 -12.29 14.82
CA ALA H 135 0.79 -11.94 15.12
C ALA H 135 0.40 -12.32 16.55
N ALA H 136 0.88 -13.47 17.02
CA ALA H 136 0.60 -13.90 18.38
C ALA H 136 1.27 -13.00 19.41
N ILE H 137 2.50 -12.57 19.13
CA ILE H 137 3.16 -11.60 20.00
C ILE H 137 2.36 -10.30 20.03
N ALA H 138 1.81 -9.90 18.88
CA ALA H 138 0.98 -8.70 18.83
C ALA H 138 -0.28 -8.87 19.67
N ALA H 139 -0.97 -10.00 19.51
CA ALA H 139 -2.16 -10.29 20.30
C ALA H 139 -1.85 -10.39 21.79
N LEU H 140 -0.60 -10.73 22.13
CA LEU H 140 -0.17 -10.67 23.53
C LEU H 140 0.04 -9.23 23.97
N LEU H 141 0.81 -8.47 23.21
CA LEU H 141 1.19 -7.11 23.60
C LEU H 141 0.07 -6.13 23.30
#